data_1KPZ
# 
_entry.id   1KPZ 
# 
_audit_conform.dict_name       mmcif_pdbx.dic 
_audit_conform.dict_version    5.391 
_audit_conform.dict_location   http://mmcif.pdb.org/dictionaries/ascii/mmcif_pdbx.dic 
# 
loop_
_database_2.database_id 
_database_2.database_code 
_database_2.pdbx_database_accession 
_database_2.pdbx_DOI 
PDB   1KPZ         pdb_00001kpz 10.2210/pdb1kpz/pdb 
RCSB  RCSB015214   ?            ?                   
WWPDB D_1000015214 ?            ?                   
# 
loop_
_pdbx_audit_revision_history.ordinal 
_pdbx_audit_revision_history.data_content_type 
_pdbx_audit_revision_history.major_revision 
_pdbx_audit_revision_history.minor_revision 
_pdbx_audit_revision_history.revision_date 
1 'Structure model' 1 0 2002-01-11 
2 'Structure model' 1 1 2008-04-27 
3 'Structure model' 1 2 2011-07-13 
4 'Structure model' 1 3 2018-01-24 
5 'Structure model' 1 4 2024-05-01 
# 
_pdbx_audit_revision_details.ordinal             1 
_pdbx_audit_revision_details.revision_ordinal    1 
_pdbx_audit_revision_details.data_content_type   'Structure model' 
_pdbx_audit_revision_details.provider            repository 
_pdbx_audit_revision_details.type                'Initial release' 
_pdbx_audit_revision_details.description         ? 
_pdbx_audit_revision_details.details             ? 
# 
loop_
_pdbx_audit_revision_group.ordinal 
_pdbx_audit_revision_group.revision_ordinal 
_pdbx_audit_revision_group.data_content_type 
_pdbx_audit_revision_group.group 
1 2 'Structure model' 'Version format compliance' 
2 3 'Structure model' 'Version format compliance' 
3 4 'Structure model' 'Database references'       
4 4 'Structure model' 'Derived calculations'      
5 5 'Structure model' 'Data collection'           
6 5 'Structure model' 'Database references'       
7 5 'Structure model' 'Derived calculations'      
# 
loop_
_pdbx_audit_revision_category.ordinal 
_pdbx_audit_revision_category.revision_ordinal 
_pdbx_audit_revision_category.data_content_type 
_pdbx_audit_revision_category.category 
1 4 'Structure model' citation_author       
2 4 'Structure model' pdbx_struct_assembly  
3 4 'Structure model' pdbx_struct_oper_list 
4 5 'Structure model' chem_comp_atom        
5 5 'Structure model' chem_comp_bond        
6 5 'Structure model' database_2            
7 5 'Structure model' struct_conn           
# 
loop_
_pdbx_audit_revision_item.ordinal 
_pdbx_audit_revision_item.revision_ordinal 
_pdbx_audit_revision_item.data_content_type 
_pdbx_audit_revision_item.item 
1 4 'Structure model' '_citation_author.name'               
2 5 'Structure model' '_database_2.pdbx_DOI'                
3 5 'Structure model' '_database_2.pdbx_database_accession' 
4 5 'Structure model' '_struct_conn.pdbx_leaving_atom_flag' 
# 
_pdbx_database_status.status_code                     REL 
_pdbx_database_status.entry_id                        1KPZ 
_pdbx_database_status.recvd_initial_deposition_date   2002-01-03 
_pdbx_database_status.deposit_site                    RCSB 
_pdbx_database_status.process_site                    RCSB 
_pdbx_database_status.status_code_mr                  REL 
_pdbx_database_status.SG_entry                        . 
_pdbx_database_status.pdb_format_compatible           Y 
_pdbx_database_status.status_code_sf                  ? 
_pdbx_database_status.status_code_cs                  ? 
_pdbx_database_status.methods_development_category    ? 
_pdbx_database_status.status_code_nmr_data            ? 
# 
_pdbx_database_related.db_name        PDB 
_pdbx_database_related.db_id          1KPY 
_pdbx_database_related.details        'PEMV-1 Structural Ensemble' 
_pdbx_database_related.content_type   unspecified 
# 
loop_
_audit_author.name 
_audit_author.pdbx_ordinal 
'Nixon, P.L.'   1 
'Giedroc, D.P.' 2 
# 
_citation.id                        primary 
_citation.title                     'Solution structure of a luteoviral P1-P2 frameshifting mRNA pseudoknot' 
_citation.journal_abbrev            J.Mol.Biol. 
_citation.journal_volume            322 
_citation.page_first                621 
_citation.page_last                 633 
_citation.year                      2002 
_citation.journal_id_ASTM           JMOBAK 
_citation.country                   UK 
_citation.journal_id_ISSN           0022-2836 
_citation.journal_id_CSD            0070 
_citation.book_publisher            ? 
_citation.pdbx_database_id_PubMed   12225754 
_citation.pdbx_database_id_DOI      '10.1016/S0022-2836(02)00779-9' 
# 
loop_
_citation_author.citation_id 
_citation_author.name 
_citation_author.ordinal 
_citation_author.identifier_ORCID 
primary 'Nixon, P.L.'   1 ? 
primary 'Rangan, A.'    2 ? 
primary 'Kim, Y.-G.'    3 ? 
primary 'Rich, A.'      4 ? 
primary 'Hoffman, D.W.' 5 ? 
primary 'Hennig, M.'    6 ? 
primary 'Giedroc, D.P.' 7 ? 
# 
_entity.id                         1 
_entity.type                       polymer 
_entity.src_method                 syn 
_entity.pdbx_description           'P1-P2 frameshifting pseudoknot' 
_entity.formula_weight             10640.448 
_entity.pdbx_number_of_molecules   1 
_entity.pdbx_ec                    ? 
_entity.pdbx_mutation              ? 
_entity.pdbx_fragment              ? 
_entity.details                    'Pea Enation Mosaic Virus type I RNA' 
# 
_entity_poly.entity_id                      1 
_entity_poly.type                           polyribonucleotide 
_entity_poly.nstd_linkage                   no 
_entity_poly.nstd_monomer                   yes 
_entity_poly.pdbx_seq_one_letter_code       'GAAUUCCGGU(CH)GACUCCGGAGAAACAAAGUCAA' 
_entity_poly.pdbx_seq_one_letter_code_can   GAAUUCCGGUCGACUCCGGAGAAACAAAGUCAA 
_entity_poly.pdbx_strand_id                 A 
_entity_poly.pdbx_target_identifier         ? 
# 
loop_
_entity_poly_seq.entity_id 
_entity_poly_seq.num 
_entity_poly_seq.mon_id 
_entity_poly_seq.hetero 
1 1  G  n 
1 2  A  n 
1 3  A  n 
1 4  U  n 
1 5  U  n 
1 6  C  n 
1 7  C  n 
1 8  G  n 
1 9  G  n 
1 10 U  n 
1 11 CH n 
1 12 G  n 
1 13 A  n 
1 14 C  n 
1 15 U  n 
1 16 C  n 
1 17 C  n 
1 18 G  n 
1 19 G  n 
1 20 A  n 
1 21 G  n 
1 22 A  n 
1 23 A  n 
1 24 A  n 
1 25 C  n 
1 26 A  n 
1 27 A  n 
1 28 A  n 
1 29 G  n 
1 30 U  n 
1 31 C  n 
1 32 A  n 
1 33 A  n 
# 
_pdbx_entity_src_syn.entity_id              1 
_pdbx_entity_src_syn.pdbx_src_id            1 
_pdbx_entity_src_syn.pdbx_alt_source_flag   sample 
_pdbx_entity_src_syn.pdbx_beg_seq_num       ? 
_pdbx_entity_src_syn.pdbx_end_seq_num       ? 
_pdbx_entity_src_syn.organism_scientific    ? 
_pdbx_entity_src_syn.organism_common_name   ? 
_pdbx_entity_src_syn.ncbi_taxonomy_id       ? 
_pdbx_entity_src_syn.details                
'Naturally occuring sequence of the P1-P2 frameshifting pseudoknot from Pea Enation Mosaic Virus type I. In vitro SP6 Transcription.' 
# 
loop_
_chem_comp.id 
_chem_comp.type 
_chem_comp.mon_nstd_flag 
_chem_comp.name 
_chem_comp.pdbx_synonyms 
_chem_comp.formula 
_chem_comp.formula_weight 
A  'RNA linking' y "ADENOSINE-5'-MONOPHOSPHATE"              ? 'C10 H14 N5 O7 P'  347.221 
C  'RNA linking' y "CYTIDINE-5'-MONOPHOSPHATE"               ? 'C9 H14 N3 O8 P'   323.197 
CH 'RNA linking' n 
;N3-PROTONATED CYTIDINE-5'-MONOPHOSPHATE
;
? 'C9 H15 N3 O8 P 1' 324.204 
G  'RNA linking' y "GUANOSINE-5'-MONOPHOSPHATE"              ? 'C10 H14 N5 O8 P'  363.221 
U  'RNA linking' y "URIDINE-5'-MONOPHOSPHATE"                ? 'C9 H13 N2 O9 P'   324.181 
# 
loop_
_pdbx_poly_seq_scheme.asym_id 
_pdbx_poly_seq_scheme.entity_id 
_pdbx_poly_seq_scheme.seq_id 
_pdbx_poly_seq_scheme.mon_id 
_pdbx_poly_seq_scheme.ndb_seq_num 
_pdbx_poly_seq_scheme.pdb_seq_num 
_pdbx_poly_seq_scheme.auth_seq_num 
_pdbx_poly_seq_scheme.pdb_mon_id 
_pdbx_poly_seq_scheme.auth_mon_id 
_pdbx_poly_seq_scheme.pdb_strand_id 
_pdbx_poly_seq_scheme.pdb_ins_code 
_pdbx_poly_seq_scheme.hetero 
A 1 1  G  1  0  ?  ?  ?   A . n 
A 1 2  A  2  1  ?  ?  ?   A . n 
A 1 3  A  3  2  ?  ?  ?   A . n 
A 1 4  U  4  3  ?  ?  ?   A . n 
A 1 5  U  5  4  4  U  URI A . n 
A 1 6  C  6  5  5  C  CYT A . n 
A 1 7  C  7  6  6  C  CYT A . n 
A 1 8  G  8  7  7  G  GUA A . n 
A 1 9  G  9  8  8  G  GUA A . n 
A 1 10 U  10 9  9  U  URI A . n 
A 1 11 CH 11 10 10 CH CH  A . n 
A 1 12 G  12 11 11 G  GUA A . n 
A 1 13 A  13 12 12 A  ADE A . n 
A 1 14 C  14 13 13 C  CYT A . n 
A 1 15 U  15 14 14 U  URI A . n 
A 1 16 C  16 15 15 C  CYT A . n 
A 1 17 C  17 16 16 C  CYT A . n 
A 1 18 G  18 17 17 G  GUA A . n 
A 1 19 G  19 18 18 G  GUA A . n 
A 1 20 A  20 19 19 A  ADE A . n 
A 1 21 G  21 20 20 G  GUA A . n 
A 1 22 A  22 21 21 A  ADE A . n 
A 1 23 A  23 22 22 A  ADE A . n 
A 1 24 A  24 23 23 A  ADE A . n 
A 1 25 C  25 24 24 C  CYT A . n 
A 1 26 A  26 25 25 A  ADE A . n 
A 1 27 A  27 26 26 A  ADE A . n 
A 1 28 A  28 27 27 A  ADE A . n 
A 1 29 G  29 28 28 G  GUA A . n 
A 1 30 U  30 29 29 U  URI A . n 
A 1 31 C  31 30 30 C  CYT A . n 
A 1 32 A  32 31 31 A  ADE A . n 
A 1 33 A  33 32 ?  ?  ?   A . n 
# 
_exptl.entry_id          1KPZ 
_exptl.method            'SOLUTION NMR' 
_exptl.crystals_number   ? 
# 
_exptl_crystal.id                    1 
_exptl_crystal.density_meas          ? 
_exptl_crystal.density_Matthews      ? 
_exptl_crystal.density_percent_sol   ? 
_exptl_crystal.description           ? 
# 
_diffrn.id                     1 
_diffrn.crystal_id             1 
_diffrn.ambient_temp           ? 
_diffrn.ambient_temp_details   ? 
# 
_diffrn_radiation.diffrn_id                        1 
_diffrn_radiation.wavelength_id                    1 
_diffrn_radiation.monochromator                    ? 
_diffrn_radiation.pdbx_monochromatic_or_laue_m_l   M 
_diffrn_radiation.pdbx_diffrn_protocol             'SINGLE WAVELENGTH' 
_diffrn_radiation.pdbx_scattering_type             ? 
# 
_diffrn_radiation_wavelength.id           1 
_diffrn_radiation_wavelength.wavelength   . 
_diffrn_radiation_wavelength.wt           1.0 
# 
_struct.entry_id                  1KPZ 
_struct.title                     'PEMV-1 P1-P2 Frameshifting Pseudoknot Regularized Average Structure' 
_struct.pdbx_model_details        ? 
_struct.pdbx_CASP_flag            ? 
_struct.pdbx_model_type_details   'minimized average' 
# 
_struct_keywords.entry_id        1KPZ 
_struct_keywords.pdbx_keywords   RNA 
_struct_keywords.text            'Pseudoknot, Frameshifting, Luteovirus, Triple Helix, Protonated Cytidine, Ribonucleic Acid, RNA' 
# 
_struct_asym.id                            A 
_struct_asym.pdbx_blank_PDB_chainid_flag   N 
_struct_asym.pdbx_modified                 N 
_struct_asym.entity_id                     1 
_struct_asym.details                       ? 
# 
_struct_ref.id                         1 
_struct_ref.entity_id                  1 
_struct_ref.db_name                    PDB 
_struct_ref.db_code                    1KPZ 
_struct_ref.pdbx_db_accession          1KPZ 
_struct_ref.pdbx_db_isoform            ? 
_struct_ref.pdbx_seq_one_letter_code   ? 
_struct_ref.pdbx_align_begin           ? 
# 
_struct_ref_seq.align_id                      1 
_struct_ref_seq.ref_id                        1 
_struct_ref_seq.pdbx_PDB_id_code              1KPZ 
_struct_ref_seq.pdbx_strand_id                A 
_struct_ref_seq.seq_align_beg                 1 
_struct_ref_seq.pdbx_seq_align_beg_ins_code   ? 
_struct_ref_seq.seq_align_end                 33 
_struct_ref_seq.pdbx_seq_align_end_ins_code   ? 
_struct_ref_seq.pdbx_db_accession             1KPZ 
_struct_ref_seq.db_align_beg                  0 
_struct_ref_seq.pdbx_db_align_beg_ins_code    ? 
_struct_ref_seq.db_align_end                  32 
_struct_ref_seq.pdbx_db_align_end_ins_code    ? 
_struct_ref_seq.pdbx_auth_seq_align_beg       0 
_struct_ref_seq.pdbx_auth_seq_align_end       32 
# 
_pdbx_struct_assembly.id                   1 
_pdbx_struct_assembly.details              author_defined_assembly 
_pdbx_struct_assembly.method_details       ? 
_pdbx_struct_assembly.oligomeric_details   monomeric 
_pdbx_struct_assembly.oligomeric_count     1 
# 
_pdbx_struct_assembly_gen.assembly_id       1 
_pdbx_struct_assembly_gen.oper_expression   1 
_pdbx_struct_assembly_gen.asym_id_list      A 
# 
_pdbx_struct_oper_list.id                   1 
_pdbx_struct_oper_list.type                 'identity operation' 
_pdbx_struct_oper_list.name                 1_555 
_pdbx_struct_oper_list.symmetry_operation   ? 
_pdbx_struct_oper_list.matrix[1][1]         1.0000000000 
_pdbx_struct_oper_list.matrix[1][2]         0.0000000000 
_pdbx_struct_oper_list.matrix[1][3]         0.0000000000 
_pdbx_struct_oper_list.vector[1]            0.0000000000 
_pdbx_struct_oper_list.matrix[2][1]         0.0000000000 
_pdbx_struct_oper_list.matrix[2][2]         1.0000000000 
_pdbx_struct_oper_list.matrix[2][3]         0.0000000000 
_pdbx_struct_oper_list.vector[2]            0.0000000000 
_pdbx_struct_oper_list.matrix[3][1]         0.0000000000 
_pdbx_struct_oper_list.matrix[3][2]         0.0000000000 
_pdbx_struct_oper_list.matrix[3][3]         1.0000000000 
_pdbx_struct_oper_list.vector[3]            0.0000000000 
# 
_struct_biol.id   1 
# 
loop_
_struct_conn.id 
_struct_conn.conn_type_id 
_struct_conn.pdbx_leaving_atom_flag 
_struct_conn.pdbx_PDB_id 
_struct_conn.ptnr1_label_asym_id 
_struct_conn.ptnr1_label_comp_id 
_struct_conn.ptnr1_label_seq_id 
_struct_conn.ptnr1_label_atom_id 
_struct_conn.pdbx_ptnr1_label_alt_id 
_struct_conn.pdbx_ptnr1_PDB_ins_code 
_struct_conn.pdbx_ptnr1_standard_comp_id 
_struct_conn.ptnr1_symmetry 
_struct_conn.ptnr2_label_asym_id 
_struct_conn.ptnr2_label_comp_id 
_struct_conn.ptnr2_label_seq_id 
_struct_conn.ptnr2_label_atom_id 
_struct_conn.pdbx_ptnr2_label_alt_id 
_struct_conn.pdbx_ptnr2_PDB_ins_code 
_struct_conn.ptnr1_auth_asym_id 
_struct_conn.ptnr1_auth_comp_id 
_struct_conn.ptnr1_auth_seq_id 
_struct_conn.ptnr2_auth_asym_id 
_struct_conn.ptnr2_auth_comp_id 
_struct_conn.ptnr2_auth_seq_id 
_struct_conn.ptnr2_symmetry 
_struct_conn.pdbx_ptnr3_label_atom_id 
_struct_conn.pdbx_ptnr3_label_seq_id 
_struct_conn.pdbx_ptnr3_label_comp_id 
_struct_conn.pdbx_ptnr3_label_asym_id 
_struct_conn.pdbx_ptnr3_label_alt_id 
_struct_conn.pdbx_ptnr3_PDB_ins_code 
_struct_conn.details 
_struct_conn.pdbx_dist_value 
_struct_conn.pdbx_value_order 
_struct_conn.pdbx_role 
covale1  covale both ? A U  10 "O3'" ? ? ? 1_555 A CH 11 P  ? ? A U  9  A CH 10 1_555 ? ? ? ? ? ? ?              1.610 ? ? 
covale2  covale both ? A CH 11 "O3'" ? ? ? 1_555 A G  12 P  ? ? A CH 10 A G  11 1_555 ? ? ? ? ? ? ?              1.652 ? ? 
hydrog1  hydrog ?    ? A U  5  N3    ? ? ? 1_555 A A  20 N1 ? ? A U  4  A A  19 1_555 ? ? ? ? ? ? WATSON-CRICK   ?     ? ? 
hydrog2  hydrog ?    ? A U  5  O4    ? ? ? 1_555 A A  20 N6 ? ? A U  4  A A  19 1_555 ? ? ? ? ? ? WATSON-CRICK   ?     ? ? 
hydrog3  hydrog ?    ? A U  5  O2    ? ? ? 1_555 A A  22 N6 ? ? A U  4  A A  21 1_555 ? ? ? ? ? ? 'U-A PAIR'     ?     ? ? 
hydrog4  hydrog ?    ? A C  6  N3    ? ? ? 1_555 A G  19 N1 ? ? A C  5  A G  18 1_555 ? ? ? ? ? ? WATSON-CRICK   ?     ? ? 
hydrog5  hydrog ?    ? A C  6  N4    ? ? ? 1_555 A G  19 O6 ? ? A C  5  A G  18 1_555 ? ? ? ? ? ? WATSON-CRICK   ?     ? ? 
hydrog6  hydrog ?    ? A C  6  O2    ? ? ? 1_555 A G  19 N2 ? ? A C  5  A G  18 1_555 ? ? ? ? ? ? WATSON-CRICK   ?     ? ? 
hydrog7  hydrog ?    ? A C  7  N3    ? ? ? 1_555 A G  18 N1 ? ? A C  6  A G  17 1_555 ? ? ? ? ? ? WATSON-CRICK   ?     ? ? 
hydrog8  hydrog ?    ? A C  7  N4    ? ? ? 1_555 A G  18 O6 ? ? A C  6  A G  17 1_555 ? ? ? ? ? ? WATSON-CRICK   ?     ? ? 
hydrog9  hydrog ?    ? A C  7  O2    ? ? ? 1_555 A G  18 N2 ? ? A C  6  A G  17 1_555 ? ? ? ? ? ? WATSON-CRICK   ?     ? ? 
hydrog10 hydrog ?    ? A G  8  N1    ? ? ? 1_555 A C  17 N3 ? ? A G  7  A C  16 1_555 ? ? ? ? ? ? WATSON-CRICK   ?     ? ? 
hydrog11 hydrog ?    ? A G  8  N2    ? ? ? 1_555 A C  17 O2 ? ? A G  7  A C  16 1_555 ? ? ? ? ? ? WATSON-CRICK   ?     ? ? 
hydrog12 hydrog ?    ? A G  8  O6    ? ? ? 1_555 A C  17 N4 ? ? A G  7  A C  16 1_555 ? ? ? ? ? ? WATSON-CRICK   ?     ? ? 
hydrog13 hydrog ?    ? A G  9  N1    ? ? ? 1_555 A C  16 N3 ? ? A G  8  A C  15 1_555 ? ? ? ? ? ? WATSON-CRICK   ?     ? ? 
hydrog14 hydrog ?    ? A G  9  N2    ? ? ? 1_555 A C  16 O2 ? ? A G  8  A C  15 1_555 ? ? ? ? ? ? WATSON-CRICK   ?     ? ? 
hydrog15 hydrog ?    ? A G  9  O6    ? ? ? 1_555 A C  16 N4 ? ? A G  8  A C  15 1_555 ? ? ? ? ? ? WATSON-CRICK   ?     ? ? 
hydrog16 hydrog ?    ? A G  9  N2    ? ? ? 1_555 A A  27 N1 ? ? A G  8  A A  26 1_555 ? ? ? ? ? ? TYPE_10_PAIR   ?     ? ? 
hydrog17 hydrog ?    ? A G  9  N3    ? ? ? 1_555 A A  27 N6 ? ? A G  8  A A  26 1_555 ? ? ? ? ? ? TYPE_10_PAIR   ?     ? ? 
hydrog18 hydrog ?    ? A U  10 N3    ? ? ? 1_555 A A  28 N7 ? ? A U  9  A A  27 1_555 ? ? ? ? ? ? HOOGSTEEN      ?     ? ? 
hydrog19 hydrog ?    ? A U  10 O4    ? ? ? 1_555 A A  28 N6 ? ? A U  9  A A  27 1_555 ? ? ? ? ? ? HOOGSTEEN      ?     ? ? 
hydrog20 hydrog ?    ? A CH 11 O2    ? ? ? 1_555 A A  13 N6 ? ? A CH 10 A A  12 1_555 ? ? ? ? ? ? 'CH-A MISPAIR' ?     ? ? 
hydrog21 hydrog ?    ? A CH 11 N4    ? ? ? 1_555 A G  29 N7 ? ? A CH 10 A G  28 1_555 ? ? ? ? ? ? 'CH-G PAIR'    ?     ? ? 
hydrog22 hydrog ?    ? A G  12 N1    ? ? ? 1_555 A C  31 N3 ? ? A G  11 A C  30 1_555 ? ? ? ? ? ? WATSON-CRICK   ?     ? ? 
hydrog23 hydrog ?    ? A G  12 N2    ? ? ? 1_555 A C  31 O2 ? ? A G  11 A C  30 1_555 ? ? ? ? ? ? WATSON-CRICK   ?     ? ? 
hydrog24 hydrog ?    ? A G  12 O6    ? ? ? 1_555 A C  31 N4 ? ? A G  11 A C  30 1_555 ? ? ? ? ? ? WATSON-CRICK   ?     ? ? 
hydrog25 hydrog ?    ? A A  13 N6    ? ? ? 1_555 A G  29 O6 ? ? A A  12 A G  28 1_555 ? ? ? ? ? ? 'A-G MISPAIR'  ?     ? ? 
hydrog26 hydrog ?    ? A A  13 N1    ? ? ? 1_555 A U  30 N3 ? ? A A  12 A U  29 1_555 ? ? ? ? ? ? WATSON-CRICK   ?     ? ? 
hydrog27 hydrog ?    ? A A  13 N6    ? ? ? 1_555 A U  30 O4 ? ? A A  12 A U  29 1_555 ? ? ? ? ? ? WATSON-CRICK   ?     ? ? 
hydrog28 hydrog ?    ? A C  14 N3    ? ? ? 1_555 A G  29 N1 ? ? A C  13 A G  28 1_555 ? ? ? ? ? ? WATSON-CRICK   ?     ? ? 
hydrog29 hydrog ?    ? A C  14 N4    ? ? ? 1_555 A G  29 O6 ? ? A C  13 A G  28 1_555 ? ? ? ? ? ? WATSON-CRICK   ?     ? ? 
hydrog30 hydrog ?    ? A C  14 O2    ? ? ? 1_555 A G  29 N2 ? ? A C  13 A G  28 1_555 ? ? ? ? ? ? WATSON-CRICK   ?     ? ? 
hydrog31 hydrog ?    ? A C  17 O2    ? ? ? 1_555 A A  26 N6 ? ? A C  16 A A  25 1_555 ? ? ? ? ? ? 'C-A MISPAIR'  ?     ? ? 
hydrog32 hydrog ?    ? A G  19 N2    ? ? ? 1_555 A A  23 N3 ? ? A G  18 A A  22 1_555 ? ? ? ? ? ? 'G-A MISPAIR'  ?     ? ? 
# 
loop_
_struct_conn_type.id 
_struct_conn_type.criteria 
_struct_conn_type.reference 
covale ? ? 
hydrog ? ? 
# 
loop_
_pdbx_validate_close_contact.id 
_pdbx_validate_close_contact.PDB_model_num 
_pdbx_validate_close_contact.auth_atom_id_1 
_pdbx_validate_close_contact.auth_asym_id_1 
_pdbx_validate_close_contact.auth_comp_id_1 
_pdbx_validate_close_contact.auth_seq_id_1 
_pdbx_validate_close_contact.PDB_ins_code_1 
_pdbx_validate_close_contact.label_alt_id_1 
_pdbx_validate_close_contact.auth_atom_id_2 
_pdbx_validate_close_contact.auth_asym_id_2 
_pdbx_validate_close_contact.auth_comp_id_2 
_pdbx_validate_close_contact.auth_seq_id_2 
_pdbx_validate_close_contact.PDB_ins_code_2 
_pdbx_validate_close_contact.label_alt_id_2 
_pdbx_validate_close_contact.dist 
1 1 O2     A C 16 ? ? H61   A A 25 ? ? 1.42 
2 1 "HO2'" A A 27 ? ? "O4'" A G 28 ? ? 1.53 
3 1 "O2'"  A C 6  ? ? "O2'" A A 22 ? ? 2.15 
# 
loop_
_pdbx_validate_rmsd_bond.id 
_pdbx_validate_rmsd_bond.PDB_model_num 
_pdbx_validate_rmsd_bond.auth_atom_id_1 
_pdbx_validate_rmsd_bond.auth_asym_id_1 
_pdbx_validate_rmsd_bond.auth_comp_id_1 
_pdbx_validate_rmsd_bond.auth_seq_id_1 
_pdbx_validate_rmsd_bond.PDB_ins_code_1 
_pdbx_validate_rmsd_bond.label_alt_id_1 
_pdbx_validate_rmsd_bond.auth_atom_id_2 
_pdbx_validate_rmsd_bond.auth_asym_id_2 
_pdbx_validate_rmsd_bond.auth_comp_id_2 
_pdbx_validate_rmsd_bond.auth_seq_id_2 
_pdbx_validate_rmsd_bond.PDB_ins_code_2 
_pdbx_validate_rmsd_bond.label_alt_id_2 
_pdbx_validate_rmsd_bond.bond_value 
_pdbx_validate_rmsd_bond.bond_target_value 
_pdbx_validate_rmsd_bond.bond_deviation 
_pdbx_validate_rmsd_bond.bond_standard_deviation 
_pdbx_validate_rmsd_bond.linker_flag 
1  1 "C2'" A U 4  ? ? "C1'" A U 4  ? ? 1.420 1.526 -0.106 0.008 N 
2  1 "C2'" A C 5  ? ? "C1'" A C 5  ? ? 1.415 1.526 -0.111 0.008 N 
3  1 "C2'" A G 7  ? ? "C1'" A G 7  ? ? 1.396 1.526 -0.130 0.008 N 
4  1 "C2'" A G 8  ? ? "C1'" A G 8  ? ? 1.384 1.526 -0.142 0.008 N 
5  1 "C2'" A G 11 ? ? "C1'" A G 11 ? ? 1.398 1.526 -0.128 0.008 N 
6  1 "C2'" A A 12 ? ? "C1'" A A 12 ? ? 1.396 1.526 -0.130 0.008 N 
7  1 "C2'" A C 15 ? ? "C1'" A C 15 ? ? 1.403 1.526 -0.123 0.008 N 
8  1 "C2'" A C 16 ? ? "C1'" A C 16 ? ? 1.429 1.526 -0.097 0.008 N 
9  1 "C2'" A G 17 ? ? "C1'" A G 17 ? ? 1.390 1.526 -0.136 0.008 N 
10 1 "C5'" A G 18 ? ? "C4'" A G 18 ? ? 1.463 1.508 -0.045 0.007 N 
11 1 "C2'" A G 18 ? ? "C1'" A G 18 ? ? 1.425 1.526 -0.101 0.008 N 
12 1 "C2'" A A 19 ? ? "C1'" A A 19 ? ? 1.378 1.526 -0.148 0.008 N 
13 1 C8    A A 19 ? ? N9    A A 19 ? ? 1.324 1.373 -0.049 0.008 N 
14 1 C2    A A 21 ? ? N3    A A 21 ? ? 1.235 1.331 -0.096 0.009 N 
15 1 N3    A A 21 ? ? C4    A A 21 ? ? 1.283 1.344 -0.061 0.006 N 
16 1 C4    A A 21 ? ? C5    A A 21 ? ? 1.322 1.383 -0.061 0.007 N 
17 1 C8    A A 21 ? ? N9    A A 21 ? ? 1.314 1.373 -0.059 0.008 N 
18 1 N9    A A 21 ? ? C4    A A 21 ? ? 1.302 1.374 -0.072 0.006 N 
19 1 N1    A C 24 ? ? C6    A C 24 ? ? 1.413 1.367 0.046  0.006 N 
20 1 "C2'" A G 28 ? ? "C1'" A G 28 ? ? 1.394 1.526 -0.132 0.008 N 
21 1 "C2'" A U 29 ? ? "C1'" A U 29 ? ? 1.458 1.526 -0.068 0.008 N 
22 1 "C2'" A C 30 ? ? "C1'" A C 30 ? ? 1.457 1.526 -0.069 0.008 N 
# 
loop_
_pdbx_validate_rmsd_angle.id 
_pdbx_validate_rmsd_angle.PDB_model_num 
_pdbx_validate_rmsd_angle.auth_atom_id_1 
_pdbx_validate_rmsd_angle.auth_asym_id_1 
_pdbx_validate_rmsd_angle.auth_comp_id_1 
_pdbx_validate_rmsd_angle.auth_seq_id_1 
_pdbx_validate_rmsd_angle.PDB_ins_code_1 
_pdbx_validate_rmsd_angle.label_alt_id_1 
_pdbx_validate_rmsd_angle.auth_atom_id_2 
_pdbx_validate_rmsd_angle.auth_asym_id_2 
_pdbx_validate_rmsd_angle.auth_comp_id_2 
_pdbx_validate_rmsd_angle.auth_seq_id_2 
_pdbx_validate_rmsd_angle.PDB_ins_code_2 
_pdbx_validate_rmsd_angle.label_alt_id_2 
_pdbx_validate_rmsd_angle.auth_atom_id_3 
_pdbx_validate_rmsd_angle.auth_asym_id_3 
_pdbx_validate_rmsd_angle.auth_comp_id_3 
_pdbx_validate_rmsd_angle.auth_seq_id_3 
_pdbx_validate_rmsd_angle.PDB_ins_code_3 
_pdbx_validate_rmsd_angle.label_alt_id_3 
_pdbx_validate_rmsd_angle.angle_value 
_pdbx_validate_rmsd_angle.angle_target_value 
_pdbx_validate_rmsd_angle.angle_deviation 
_pdbx_validate_rmsd_angle.angle_standard_deviation 
_pdbx_validate_rmsd_angle.linker_flag 
1  1 "O4'" A U 4  ? ? "C1'" A U 4  ? ? N1    A U 4  ? ? 113.52 108.50 5.02   0.70 N 
2  1 "O4'" A C 5  ? ? "C1'" A C 5  ? ? N1    A C 5  ? ? 112.79 108.50 4.29   0.70 N 
3  1 C6    A C 5  ? ? N1    A C 5  ? ? C2    A C 5  ? ? 117.72 120.30 -2.58  0.40 N 
4  1 N1    A C 5  ? ? C2    A C 5  ? ? O2    A C 5  ? ? 122.62 118.90 3.72   0.60 N 
5  1 "C1'" A C 6  ? ? "O4'" A C 6  ? ? "C4'" A C 6  ? ? 104.99 109.70 -4.71  0.70 N 
6  1 "C4'" A C 6  ? ? "C3'" A C 6  ? ? "C2'" A C 6  ? ? 95.72  102.60 -6.88  1.00 N 
7  1 "O4'" A C 6  ? ? "C1'" A C 6  ? ? N1    A C 6  ? ? 114.14 108.50 5.64   0.70 N 
8  1 "C3'" A G 7  ? ? "C2'" A G 7  ? ? "C1'" A G 7  ? ? 96.04  101.30 -5.26  0.70 N 
9  1 "O4'" A G 7  ? ? "C1'" A G 7  ? ? N9    A G 7  ? ? 115.64 108.50 7.14   0.70 N 
10 1 N7    A G 7  ? ? C8    A G 7  ? ? N9    A G 7  ? ? 118.01 113.10 4.91   0.50 N 
11 1 C8    A G 7  ? ? N9    A G 7  ? ? C4    A G 7  ? ? 102.48 106.40 -3.92  0.40 N 
12 1 N7    A G 8  ? ? C8    A G 8  ? ? N9    A G 8  ? ? 118.15 113.10 5.05   0.50 N 
13 1 C8    A G 8  ? ? N9    A G 8  ? ? C4    A G 8  ? ? 102.80 106.40 -3.60  0.40 N 
14 1 "C3'" A U 9  ? ? "C2'" A U 9  ? ? "C1'" A U 9  ? ? 106.68 101.50 5.18   0.80 N 
15 1 "O4'" A G 11 ? ? "C1'" A G 11 ? ? N9    A G 11 ? ? 115.19 108.50 6.69   0.70 N 
16 1 N7    A G 11 ? ? C8    A G 11 ? ? N9    A G 11 ? ? 118.13 113.10 5.03   0.50 N 
17 1 C8    A G 11 ? ? N9    A G 11 ? ? C4    A G 11 ? ? 102.71 106.40 -3.69  0.40 N 
18 1 "C1'" A A 12 ? ? "O4'" A A 12 ? ? "C4'" A A 12 ? ? 105.30 109.70 -4.40  0.70 N 
19 1 "C3'" A A 12 ? ? "C2'" A A 12 ? ? "C1'" A A 12 ? ? 96.17  101.30 -5.13  0.70 N 
20 1 "O4'" A A 12 ? ? "C1'" A A 12 ? ? N9    A A 12 ? ? 113.23 108.50 4.73   0.70 N 
21 1 N7    A A 12 ? ? C8    A A 12 ? ? N9    A A 12 ? ? 118.22 113.80 4.42   0.50 N 
22 1 "C3'" A C 13 ? ? "C2'" A C 13 ? ? "C1'" A C 13 ? ? 106.61 101.50 5.11   0.80 N 
23 1 "C3'" A U 14 ? ? "C2'" A U 14 ? ? "C1'" A U 14 ? ? 106.48 101.50 4.98   0.80 N 
24 1 "O4'" A C 15 ? ? "C1'" A C 15 ? ? N1    A C 15 ? ? 113.66 108.50 5.16   0.70 N 
25 1 "C5'" A G 17 ? ? "C4'" A G 17 ? ? "O4'" A G 17 ? ? 100.77 109.10 -8.33  1.20 N 
26 1 "O4'" A G 17 ? ? "C1'" A G 17 ? ? N9    A G 17 ? ? 117.50 108.50 9.00   0.70 N 
27 1 N7    A G 17 ? ? C8    A G 17 ? ? N9    A G 17 ? ? 118.13 113.10 5.03   0.50 N 
28 1 C8    A G 17 ? ? N9    A G 17 ? ? C4    A G 17 ? ? 102.20 106.40 -4.20  0.40 N 
29 1 "O4'" A G 18 ? ? "C1'" A G 18 ? ? N9    A G 18 ? ? 116.49 108.50 7.99   0.70 N 
30 1 N7    A G 18 ? ? C8    A G 18 ? ? N9    A G 18 ? ? 118.61 113.10 5.51   0.50 N 
31 1 C8    A G 18 ? ? N9    A G 18 ? ? C4    A G 18 ? ? 101.23 106.40 -5.17  0.40 N 
32 1 "C5'" A A 19 ? ? "C4'" A A 19 ? ? "O4'" A A 19 ? ? 97.98  109.10 -11.12 1.20 N 
33 1 "O4'" A A 19 ? ? "C1'" A A 19 ? ? N9    A A 19 ? ? 117.74 108.50 9.24   0.70 N 
34 1 N7    A A 19 ? ? C8    A A 19 ? ? N9    A A 19 ? ? 120.14 113.80 6.34   0.50 N 
35 1 C8    A A 19 ? ? N9    A A 19 ? ? C4    A A 19 ? ? 101.04 105.80 -4.76  0.40 N 
36 1 N7    A G 20 ? ? C8    A G 20 ? ? N9    A G 20 ? ? 117.81 113.10 4.71   0.50 N 
37 1 C8    A G 20 ? ? N9    A G 20 ? ? C4    A G 20 ? ? 103.29 106.40 -3.11  0.40 N 
38 1 N3    A A 21 ? ? C4    A A 21 ? ? C5    A A 21 ? ? 131.45 126.80 4.65   0.70 N 
39 1 C5    A A 21 ? ? N7    A A 21 ? ? C8    A A 21 ? ? 99.20  103.90 -4.70  0.50 N 
40 1 N7    A A 21 ? ? C8    A A 21 ? ? N9    A A 21 ? ? 118.07 113.80 4.27   0.50 N 
41 1 C8    A A 21 ? ? N9    A A 21 ? ? C4    A A 21 ? ? 102.76 105.80 -3.04  0.40 N 
42 1 N9    A A 21 ? ? C4    A A 21 ? ? C5    A A 21 ? ? 109.37 105.80 3.57   0.40 N 
43 1 N3    A A 21 ? ? C4    A A 21 ? ? N9    A A 21 ? ? 119.12 127.40 -8.28  0.80 N 
44 1 "O4'" A A 22 ? ? "C1'" A A 22 ? ? N9    A A 22 ? ? 102.50 108.20 -5.70  0.80 N 
45 1 N7    A A 22 ? ? C8    A A 22 ? ? N9    A A 22 ? ? 117.62 113.80 3.82   0.50 N 
46 1 C8    A A 22 ? ? N9    A A 22 ? ? C4    A A 22 ? ? 102.58 105.80 -3.22  0.40 N 
47 1 N7    A A 23 ? ? C8    A A 23 ? ? N9    A A 23 ? ? 117.33 113.80 3.53   0.50 N 
48 1 "C3'" A C 24 ? ? "C2'" A C 24 ? ? "C1'" A C 24 ? ? 106.46 101.50 4.96   0.80 N 
49 1 "O4'" A A 25 ? ? "C1'" A A 25 ? ? N9    A A 25 ? ? 114.12 108.50 5.62   0.70 N 
50 1 N7    A A 25 ? ? C8    A A 25 ? ? N9    A A 25 ? ? 116.91 113.80 3.11   0.50 N 
51 1 "C3'" A A 26 ? ? "C2'" A A 26 ? ? "C1'" A A 26 ? ? 106.41 101.50 4.91   0.80 N 
52 1 N7    A A 26 ? ? C8    A A 26 ? ? N9    A A 26 ? ? 117.52 113.80 3.72   0.50 N 
53 1 N7    A A 27 ? ? C8    A A 27 ? ? N9    A A 27 ? ? 116.97 113.80 3.17   0.50 N 
54 1 "C5'" A G 28 ? ? "C4'" A G 28 ? ? "O4'" A G 28 ? ? 101.86 109.10 -7.24  1.20 N 
55 1 "C3'" A G 28 ? ? "C2'" A G 28 ? ? "C1'" A G 28 ? ? 96.36  101.30 -4.94  0.70 N 
56 1 "O4'" A G 28 ? ? "C1'" A G 28 ? ? N9    A G 28 ? ? 116.43 108.50 7.93   0.70 N 
57 1 N7    A G 28 ? ? C8    A G 28 ? ? N9    A G 28 ? ? 118.06 113.10 4.96   0.50 N 
58 1 C8    A G 28 ? ? N9    A G 28 ? ? C4    A G 28 ? ? 102.26 106.40 -4.14  0.40 N 
59 1 "C4'" A U 29 ? ? "C3'" A U 29 ? ? "C2'" A U 29 ? ? 94.33  102.60 -8.27  1.00 N 
60 1 N1    A C 30 ? ? "C1'" A C 30 ? ? "C2'" A C 30 ? ? 125.77 114.00 11.77  1.30 N 
61 1 "C3'" A A 31 ? ? "C2'" A A 31 ? ? "C1'" A A 31 ? ? 106.30 101.50 4.80   0.80 N 
62 1 N7    A A 31 ? ? C8    A A 31 ? ? N9    A A 31 ? ? 117.49 113.80 3.69   0.50 N 
# 
loop_
_pdbx_validate_planes.id 
_pdbx_validate_planes.PDB_model_num 
_pdbx_validate_planes.auth_comp_id 
_pdbx_validate_planes.auth_asym_id 
_pdbx_validate_planes.auth_seq_id 
_pdbx_validate_planes.PDB_ins_code 
_pdbx_validate_planes.label_alt_id 
_pdbx_validate_planes.rmsd 
_pdbx_validate_planes.type 
1  1 U A 4  ? ? 0.116 'SIDE CHAIN' 
2  1 C A 5  ? ? 0.098 'SIDE CHAIN' 
3  1 C A 6  ? ? 0.088 'SIDE CHAIN' 
4  1 G A 7  ? ? 0.087 'SIDE CHAIN' 
5  1 G A 8  ? ? 0.115 'SIDE CHAIN' 
6  1 U A 9  ? ? 0.114 'SIDE CHAIN' 
7  1 G A 11 ? ? 0.079 'SIDE CHAIN' 
8  1 A A 12 ? ? 0.101 'SIDE CHAIN' 
9  1 C A 15 ? ? 0.099 'SIDE CHAIN' 
10 1 C A 16 ? ? 0.098 'SIDE CHAIN' 
11 1 G A 17 ? ? 0.093 'SIDE CHAIN' 
12 1 G A 18 ? ? 0.108 'SIDE CHAIN' 
13 1 A A 19 ? ? 0.078 'SIDE CHAIN' 
14 1 A A 21 ? ? 0.210 'SIDE CHAIN' 
15 1 A A 22 ? ? 0.142 'SIDE CHAIN' 
16 1 A A 25 ? ? 0.057 'SIDE CHAIN' 
17 1 A A 26 ? ? 0.060 'SIDE CHAIN' 
18 1 G A 28 ? ? 0.090 'SIDE CHAIN' 
19 1 U A 29 ? ? 0.105 'SIDE CHAIN' 
20 1 C A 30 ? ? 0.165 'SIDE CHAIN' 
# 
_pdbx_struct_mod_residue.id               1 
_pdbx_struct_mod_residue.label_asym_id    A 
_pdbx_struct_mod_residue.label_comp_id    CH 
_pdbx_struct_mod_residue.label_seq_id     11 
_pdbx_struct_mod_residue.auth_asym_id     A 
_pdbx_struct_mod_residue.auth_comp_id     CH 
_pdbx_struct_mod_residue.auth_seq_id      10 
_pdbx_struct_mod_residue.PDB_ins_code     ? 
_pdbx_struct_mod_residue.parent_comp_id   C 
_pdbx_struct_mod_residue.details          
;N3-PROTONATED CYTIDINE-5'-MONOPHOSPHATE
;
# 
_pdbx_nmr_ensemble.entry_id                             1KPZ 
_pdbx_nmr_ensemble.conformers_calculated_total_number   ? 
_pdbx_nmr_ensemble.conformers_submitted_total_number    1 
_pdbx_nmr_ensemble.conformer_selection_criteria         ? 
# 
_pdbx_nmr_representative.entry_id             1KPZ 
_pdbx_nmr_representative.conformer_id         ? 
_pdbx_nmr_representative.selection_criteria   'minimized average structure' 
# 
_pdbx_nmr_sample_details.solution_id      1 
_pdbx_nmr_sample_details.contents         '2 mM PEMV-1 RNA' 
_pdbx_nmr_sample_details.solvent_system   '10 mM KPO4, pH 6.0, 100 mM KCl, 5 mM MgCl2' 
# 
loop_
_pdbx_nmr_exptl_sample_conditions.conditions_id 
_pdbx_nmr_exptl_sample_conditions.temperature 
_pdbx_nmr_exptl_sample_conditions.pressure 
_pdbx_nmr_exptl_sample_conditions.pH 
_pdbx_nmr_exptl_sample_conditions.ionic_strength 
_pdbx_nmr_exptl_sample_conditions.pressure_units 
_pdbx_nmr_exptl_sample_conditions.temperature_units 
1 283 atmospheric 6.0 '100 mM KCl, 5 mM MgCl2' atm K 
2 298 atmospheric 6.0 '100 mM KCl, 5 mM MgCl2' atm K 
# 
loop_
_pdbx_nmr_exptl.experiment_id 
_pdbx_nmr_exptl.conditions_id 
_pdbx_nmr_exptl.type 
_pdbx_nmr_exptl.solution_id 
1 1 '2D NOESY' 1 
2 2 '2D NOESY' 1 
# 
loop_
_pdbx_nmr_software.classification 
_pdbx_nmr_software.name 
_pdbx_nmr_software.version 
_pdbx_nmr_software.authors 
_pdbx_nmr_software.ordinal 
'structure solution' X-PLOR 3.851 'Brunger, A.T' 1 
refinement           X-PLOR 3.851 'Brunger, A.T' 2 
# 
loop_
_pdbx_unobs_or_zero_occ_residues.id 
_pdbx_unobs_or_zero_occ_residues.PDB_model_num 
_pdbx_unobs_or_zero_occ_residues.polymer_flag 
_pdbx_unobs_or_zero_occ_residues.occupancy_flag 
_pdbx_unobs_or_zero_occ_residues.auth_asym_id 
_pdbx_unobs_or_zero_occ_residues.auth_comp_id 
_pdbx_unobs_or_zero_occ_residues.auth_seq_id 
_pdbx_unobs_or_zero_occ_residues.PDB_ins_code 
_pdbx_unobs_or_zero_occ_residues.label_asym_id 
_pdbx_unobs_or_zero_occ_residues.label_comp_id 
_pdbx_unobs_or_zero_occ_residues.label_seq_id 
1 1 Y 1 A G 0  ? A G 1  
2 1 Y 1 A A 1  ? A A 2  
3 1 Y 1 A A 2  ? A A 3  
4 1 Y 1 A U 3  ? A U 4  
5 1 Y 1 A A 32 ? A A 33 
# 
loop_
_chem_comp_atom.comp_id 
_chem_comp_atom.atom_id 
_chem_comp_atom.type_symbol 
_chem_comp_atom.pdbx_aromatic_flag 
_chem_comp_atom.pdbx_stereo_config 
_chem_comp_atom.pdbx_ordinal 
A  OP3    O N N 1   
A  P      P N N 2   
A  OP1    O N N 3   
A  OP2    O N N 4   
A  "O5'"  O N N 5   
A  "C5'"  C N N 6   
A  "C4'"  C N R 7   
A  "O4'"  O N N 8   
A  "C3'"  C N S 9   
A  "O3'"  O N N 10  
A  "C2'"  C N R 11  
A  "O2'"  O N N 12  
A  "C1'"  C N R 13  
A  N9     N Y N 14  
A  C8     C Y N 15  
A  N7     N Y N 16  
A  C5     C Y N 17  
A  C6     C Y N 18  
A  N6     N N N 19  
A  N1     N Y N 20  
A  C2     C Y N 21  
A  N3     N Y N 22  
A  C4     C Y N 23  
A  HOP3   H N N 24  
A  HOP2   H N N 25  
A  "H5'"  H N N 26  
A  "H5''" H N N 27  
A  "H4'"  H N N 28  
A  "H3'"  H N N 29  
A  "HO3'" H N N 30  
A  "H2'"  H N N 31  
A  "HO2'" H N N 32  
A  "H1'"  H N N 33  
A  H8     H N N 34  
A  H61    H N N 35  
A  H62    H N N 36  
A  H2     H N N 37  
C  OP3    O N N 38  
C  P      P N N 39  
C  OP1    O N N 40  
C  OP2    O N N 41  
C  "O5'"  O N N 42  
C  "C5'"  C N N 43  
C  "C4'"  C N R 44  
C  "O4'"  O N N 45  
C  "C3'"  C N S 46  
C  "O3'"  O N N 47  
C  "C2'"  C N R 48  
C  "O2'"  O N N 49  
C  "C1'"  C N R 50  
C  N1     N N N 51  
C  C2     C N N 52  
C  O2     O N N 53  
C  N3     N N N 54  
C  C4     C N N 55  
C  N4     N N N 56  
C  C5     C N N 57  
C  C6     C N N 58  
C  HOP3   H N N 59  
C  HOP2   H N N 60  
C  "H5'"  H N N 61  
C  "H5''" H N N 62  
C  "H4'"  H N N 63  
C  "H3'"  H N N 64  
C  "HO3'" H N N 65  
C  "H2'"  H N N 66  
C  "HO2'" H N N 67  
C  "H1'"  H N N 68  
C  H41    H N N 69  
C  H42    H N N 70  
C  H5     H N N 71  
C  H6     H N N 72  
CH OP3    O N N 73  
CH P      P N N 74  
CH OP1    O N N 75  
CH OP2    O N N 76  
CH "O5'"  O N N 77  
CH "C5'"  C N N 78  
CH "C4'"  C N R 79  
CH "O4'"  O N N 80  
CH "C3'"  C N S 81  
CH "O3'"  O N N 82  
CH "C2'"  C N R 83  
CH "O2'"  O N N 84  
CH "C1'"  C N R 85  
CH N1     N N N 86  
CH C2     C N N 87  
CH O2     O N N 88  
CH N3     N N N 89  
CH C4     C N N 90  
CH N4     N N N 91  
CH C5     C N N 92  
CH C6     C N N 93  
CH HOP3   H N N 94  
CH HOP2   H N N 95  
CH "H5'"  H N N 96  
CH "H5''" H N N 97  
CH "H4'"  H N N 98  
CH "H3'"  H N N 99  
CH "HO3'" H N N 100 
CH "H2'"  H N N 101 
CH "HO2'" H N N 102 
CH "H1'"  H N N 103 
CH HN3    H N N 104 
CH H41    H N N 105 
CH H42    H N N 106 
CH H5     H N N 107 
CH H6     H N N 108 
G  OP3    O N N 109 
G  P      P N N 110 
G  OP1    O N N 111 
G  OP2    O N N 112 
G  "O5'"  O N N 113 
G  "C5'"  C N N 114 
G  "C4'"  C N R 115 
G  "O4'"  O N N 116 
G  "C3'"  C N S 117 
G  "O3'"  O N N 118 
G  "C2'"  C N R 119 
G  "O2'"  O N N 120 
G  "C1'"  C N R 121 
G  N9     N Y N 122 
G  C8     C Y N 123 
G  N7     N Y N 124 
G  C5     C Y N 125 
G  C6     C N N 126 
G  O6     O N N 127 
G  N1     N N N 128 
G  C2     C N N 129 
G  N2     N N N 130 
G  N3     N N N 131 
G  C4     C Y N 132 
G  HOP3   H N N 133 
G  HOP2   H N N 134 
G  "H5'"  H N N 135 
G  "H5''" H N N 136 
G  "H4'"  H N N 137 
G  "H3'"  H N N 138 
G  "HO3'" H N N 139 
G  "H2'"  H N N 140 
G  "HO2'" H N N 141 
G  "H1'"  H N N 142 
G  H8     H N N 143 
G  H1     H N N 144 
G  H21    H N N 145 
G  H22    H N N 146 
U  OP3    O N N 147 
U  P      P N N 148 
U  OP1    O N N 149 
U  OP2    O N N 150 
U  "O5'"  O N N 151 
U  "C5'"  C N N 152 
U  "C4'"  C N R 153 
U  "O4'"  O N N 154 
U  "C3'"  C N S 155 
U  "O3'"  O N N 156 
U  "C2'"  C N R 157 
U  "O2'"  O N N 158 
U  "C1'"  C N R 159 
U  N1     N N N 160 
U  C2     C N N 161 
U  O2     O N N 162 
U  N3     N N N 163 
U  C4     C N N 164 
U  O4     O N N 165 
U  C5     C N N 166 
U  C6     C N N 167 
U  HOP3   H N N 168 
U  HOP2   H N N 169 
U  "H5'"  H N N 170 
U  "H5''" H N N 171 
U  "H4'"  H N N 172 
U  "H3'"  H N N 173 
U  "HO3'" H N N 174 
U  "H2'"  H N N 175 
U  "HO2'" H N N 176 
U  "H1'"  H N N 177 
U  H3     H N N 178 
U  H5     H N N 179 
U  H6     H N N 180 
# 
loop_
_chem_comp_bond.comp_id 
_chem_comp_bond.atom_id_1 
_chem_comp_bond.atom_id_2 
_chem_comp_bond.value_order 
_chem_comp_bond.pdbx_aromatic_flag 
_chem_comp_bond.pdbx_stereo_config 
_chem_comp_bond.pdbx_ordinal 
A  OP3   P      sing N N 1   
A  OP3   HOP3   sing N N 2   
A  P     OP1    doub N N 3   
A  P     OP2    sing N N 4   
A  P     "O5'"  sing N N 5   
A  OP2   HOP2   sing N N 6   
A  "O5'" "C5'"  sing N N 7   
A  "C5'" "C4'"  sing N N 8   
A  "C5'" "H5'"  sing N N 9   
A  "C5'" "H5''" sing N N 10  
A  "C4'" "O4'"  sing N N 11  
A  "C4'" "C3'"  sing N N 12  
A  "C4'" "H4'"  sing N N 13  
A  "O4'" "C1'"  sing N N 14  
A  "C3'" "O3'"  sing N N 15  
A  "C3'" "C2'"  sing N N 16  
A  "C3'" "H3'"  sing N N 17  
A  "O3'" "HO3'" sing N N 18  
A  "C2'" "O2'"  sing N N 19  
A  "C2'" "C1'"  sing N N 20  
A  "C2'" "H2'"  sing N N 21  
A  "O2'" "HO2'" sing N N 22  
A  "C1'" N9     sing N N 23  
A  "C1'" "H1'"  sing N N 24  
A  N9    C8     sing Y N 25  
A  N9    C4     sing Y N 26  
A  C8    N7     doub Y N 27  
A  C8    H8     sing N N 28  
A  N7    C5     sing Y N 29  
A  C5    C6     sing Y N 30  
A  C5    C4     doub Y N 31  
A  C6    N6     sing N N 32  
A  C6    N1     doub Y N 33  
A  N6    H61    sing N N 34  
A  N6    H62    sing N N 35  
A  N1    C2     sing Y N 36  
A  C2    N3     doub Y N 37  
A  C2    H2     sing N N 38  
A  N3    C4     sing Y N 39  
C  OP3   P      sing N N 40  
C  OP3   HOP3   sing N N 41  
C  P     OP1    doub N N 42  
C  P     OP2    sing N N 43  
C  P     "O5'"  sing N N 44  
C  OP2   HOP2   sing N N 45  
C  "O5'" "C5'"  sing N N 46  
C  "C5'" "C4'"  sing N N 47  
C  "C5'" "H5'"  sing N N 48  
C  "C5'" "H5''" sing N N 49  
C  "C4'" "O4'"  sing N N 50  
C  "C4'" "C3'"  sing N N 51  
C  "C4'" "H4'"  sing N N 52  
C  "O4'" "C1'"  sing N N 53  
C  "C3'" "O3'"  sing N N 54  
C  "C3'" "C2'"  sing N N 55  
C  "C3'" "H3'"  sing N N 56  
C  "O3'" "HO3'" sing N N 57  
C  "C2'" "O2'"  sing N N 58  
C  "C2'" "C1'"  sing N N 59  
C  "C2'" "H2'"  sing N N 60  
C  "O2'" "HO2'" sing N N 61  
C  "C1'" N1     sing N N 62  
C  "C1'" "H1'"  sing N N 63  
C  N1    C2     sing N N 64  
C  N1    C6     sing N N 65  
C  C2    O2     doub N N 66  
C  C2    N3     sing N N 67  
C  N3    C4     doub N N 68  
C  C4    N4     sing N N 69  
C  C4    C5     sing N N 70  
C  N4    H41    sing N N 71  
C  N4    H42    sing N N 72  
C  C5    C6     doub N N 73  
C  C5    H5     sing N N 74  
C  C6    H6     sing N N 75  
CH OP3   P      sing N N 76  
CH OP3   HOP3   sing N N 77  
CH P     OP1    doub N N 78  
CH P     OP2    sing N N 79  
CH P     "O5'"  sing N N 80  
CH OP2   HOP2   sing N N 81  
CH "O5'" "C5'"  sing N N 82  
CH "C5'" "C4'"  sing N N 83  
CH "C5'" "H5'"  sing N N 84  
CH "C5'" "H5''" sing N N 85  
CH "C4'" "O4'"  sing N N 86  
CH "C4'" "C3'"  sing N N 87  
CH "C4'" "H4'"  sing N N 88  
CH "O4'" "C1'"  sing N N 89  
CH "C3'" "O3'"  sing N N 90  
CH "C3'" "C2'"  sing N N 91  
CH "C3'" "H3'"  sing N N 92  
CH "O3'" "HO3'" sing N N 93  
CH "C2'" "O2'"  sing N N 94  
CH "C2'" "C1'"  sing N N 95  
CH "C2'" "H2'"  sing N N 96  
CH "O2'" "HO2'" sing N N 97  
CH "C1'" N1     sing N N 98  
CH "C1'" "H1'"  sing N N 99  
CH N1    C2     sing N N 100 
CH N1    C6     doub N N 101 
CH C2    O2     doub N N 102 
CH C2    N3     sing N N 103 
CH N3    C4     sing N N 104 
CH N3    HN3    sing N N 105 
CH C4    N4     sing N N 106 
CH C4    C5     doub N N 107 
CH N4    H41    sing N N 108 
CH N4    H42    sing N N 109 
CH C5    C6     sing N N 110 
CH C5    H5     sing N N 111 
CH C6    H6     sing N N 112 
G  OP3   P      sing N N 113 
G  OP3   HOP3   sing N N 114 
G  P     OP1    doub N N 115 
G  P     OP2    sing N N 116 
G  P     "O5'"  sing N N 117 
G  OP2   HOP2   sing N N 118 
G  "O5'" "C5'"  sing N N 119 
G  "C5'" "C4'"  sing N N 120 
G  "C5'" "H5'"  sing N N 121 
G  "C5'" "H5''" sing N N 122 
G  "C4'" "O4'"  sing N N 123 
G  "C4'" "C3'"  sing N N 124 
G  "C4'" "H4'"  sing N N 125 
G  "O4'" "C1'"  sing N N 126 
G  "C3'" "O3'"  sing N N 127 
G  "C3'" "C2'"  sing N N 128 
G  "C3'" "H3'"  sing N N 129 
G  "O3'" "HO3'" sing N N 130 
G  "C2'" "O2'"  sing N N 131 
G  "C2'" "C1'"  sing N N 132 
G  "C2'" "H2'"  sing N N 133 
G  "O2'" "HO2'" sing N N 134 
G  "C1'" N9     sing N N 135 
G  "C1'" "H1'"  sing N N 136 
G  N9    C8     sing Y N 137 
G  N9    C4     sing Y N 138 
G  C8    N7     doub Y N 139 
G  C8    H8     sing N N 140 
G  N7    C5     sing Y N 141 
G  C5    C6     sing N N 142 
G  C5    C4     doub Y N 143 
G  C6    O6     doub N N 144 
G  C6    N1     sing N N 145 
G  N1    C2     sing N N 146 
G  N1    H1     sing N N 147 
G  C2    N2     sing N N 148 
G  C2    N3     doub N N 149 
G  N2    H21    sing N N 150 
G  N2    H22    sing N N 151 
G  N3    C4     sing N N 152 
U  OP3   P      sing N N 153 
U  OP3   HOP3   sing N N 154 
U  P     OP1    doub N N 155 
U  P     OP2    sing N N 156 
U  P     "O5'"  sing N N 157 
U  OP2   HOP2   sing N N 158 
U  "O5'" "C5'"  sing N N 159 
U  "C5'" "C4'"  sing N N 160 
U  "C5'" "H5'"  sing N N 161 
U  "C5'" "H5''" sing N N 162 
U  "C4'" "O4'"  sing N N 163 
U  "C4'" "C3'"  sing N N 164 
U  "C4'" "H4'"  sing N N 165 
U  "O4'" "C1'"  sing N N 166 
U  "C3'" "O3'"  sing N N 167 
U  "C3'" "C2'"  sing N N 168 
U  "C3'" "H3'"  sing N N 169 
U  "O3'" "HO3'" sing N N 170 
U  "C2'" "O2'"  sing N N 171 
U  "C2'" "C1'"  sing N N 172 
U  "C2'" "H2'"  sing N N 173 
U  "O2'" "HO2'" sing N N 174 
U  "C1'" N1     sing N N 175 
U  "C1'" "H1'"  sing N N 176 
U  N1    C2     sing N N 177 
U  N1    C6     sing N N 178 
U  C2    O2     doub N N 179 
U  C2    N3     sing N N 180 
U  N3    C4     sing N N 181 
U  N3    H3     sing N N 182 
U  C4    O4     doub N N 183 
U  C4    C5     sing N N 184 
U  C5    C6     doub N N 185 
U  C5    H5     sing N N 186 
U  C6    H6     sing N N 187 
# 
_ndb_struct_conf_na.entry_id   1KPZ 
_ndb_struct_conf_na.feature    'quadruple helix' 
# 
loop_
_pdbx_nmr_spectrometer.spectrometer_id 
_pdbx_nmr_spectrometer.model 
_pdbx_nmr_spectrometer.manufacturer 
_pdbx_nmr_spectrometer.field_strength 
_pdbx_nmr_spectrometer.type 
1 INOVA Varian 500 ? 
2 INOVA Varian 600 ? 
# 
_atom_sites.entry_id                    1KPZ 
_atom_sites.fract_transf_matrix[1][1]   1.000000 
_atom_sites.fract_transf_matrix[1][2]   0.000000 
_atom_sites.fract_transf_matrix[1][3]   0.000000 
_atom_sites.fract_transf_matrix[2][1]   0.000000 
_atom_sites.fract_transf_matrix[2][2]   1.000000 
_atom_sites.fract_transf_matrix[2][3]   0.000000 
_atom_sites.fract_transf_matrix[3][1]   0.000000 
_atom_sites.fract_transf_matrix[3][2]   0.000000 
_atom_sites.fract_transf_matrix[3][3]   1.000000 
_atom_sites.fract_transf_vector[1]      0.00000 
_atom_sites.fract_transf_vector[2]      0.00000 
_atom_sites.fract_transf_vector[3]      0.00000 
# 
loop_
_atom_type.symbol 
C 
H 
N 
O 
P 
# 
loop_
_atom_site.group_PDB 
_atom_site.id 
_atom_site.type_symbol 
_atom_site.label_atom_id 
_atom_site.label_alt_id 
_atom_site.label_comp_id 
_atom_site.label_asym_id 
_atom_site.label_entity_id 
_atom_site.label_seq_id 
_atom_site.pdbx_PDB_ins_code 
_atom_site.Cartn_x 
_atom_site.Cartn_y 
_atom_site.Cartn_z 
_atom_site.occupancy 
_atom_site.B_iso_or_equiv 
_atom_site.pdbx_formal_charge 
_atom_site.auth_seq_id 
_atom_site.auth_comp_id 
_atom_site.auth_asym_id 
_atom_site.auth_atom_id 
_atom_site.pdbx_PDB_model_num 
ATOM   1   P P      . U  A 1 5  ? -2.451  14.499  2.100   1.00 2.62 ? 4  U  A P      1 
ATOM   2   O OP1    . U  A 1 5  ? -2.609  15.861  2.656   1.00 3.34 ? 4  U  A OP1    1 
ATOM   3   O OP2    . U  A 1 5  ? -2.085  13.376  2.991   1.00 3.09 ? 4  U  A OP2    1 
ATOM   4   O "O5'"  . U  A 1 5  ? -3.810  14.107  1.330   1.00 2.20 ? 4  U  A "O5'"  1 
ATOM   5   C "C5'"  . U  A 1 5  ? -3.776  13.685  -0.036  1.00 2.20 ? 4  U  A "C5'"  1 
ATOM   6   C "C4'"  . U  A 1 5  ? -5.079  13.961  -0.749  1.00 1.99 ? 4  U  A "C4'"  1 
ATOM   7   O "O4'"  . U  A 1 5  ? -4.725  14.085  -2.111  1.00 2.07 ? 4  U  A "O4'"  1 
ATOM   8   C "C3'"  . U  A 1 5  ? -6.208  12.878  -0.709  1.00 1.75 ? 4  U  A "C3'"  1 
ATOM   9   O "O3'"  . U  A 1 5  ? -7.250  13.134  0.308   1.00 1.96 ? 4  U  A "O3'"  1 
ATOM   10  C "C2'"  . U  A 1 5  ? -6.784  13.109  -2.108  1.00 1.98 ? 4  U  A "C2'"  1 
ATOM   11  O "O2'"  . U  A 1 5  ? -7.561  14.290  -2.022  1.00 2.55 ? 4  U  A "O2'"  1 
ATOM   12  C "C1'"  . U  A 1 5  ? -5.587  13.250  -2.858  1.00 1.99 ? 4  U  A "C1'"  1 
ATOM   13  N N1     . U  A 1 5  ? -4.958  11.939  -3.256  1.00 1.75 ? 4  U  A N1     1 
ATOM   14  C C2     . U  A 1 5  ? -5.687  11.084  -4.097  1.00 1.69 ? 4  U  A C2     1 
ATOM   15  O O2     . U  A 1 5  ? -6.902  11.189  -4.240  1.00 1.68 ? 4  U  A O2     1 
ATOM   16  N N3     . U  A 1 5  ? -4.949  10.084  -4.751  1.00 1.70 ? 4  U  A N3     1 
ATOM   17  C C4     . U  A 1 5  ? -3.591  9.890   -4.618  1.00 1.75 ? 4  U  A C4     1 
ATOM   18  O O4     . U  A 1 5  ? -3.031  9.053   -5.259  1.00 1.80 ? 4  U  A O4     1 
ATOM   19  C C5     . U  A 1 5  ? -2.942  10.777  -3.713  1.00 1.79 ? 4  U  A C5     1 
ATOM   20  C C6     . U  A 1 5  ? -3.619  11.733  -3.070  1.00 1.79 ? 4  U  A C6     1 
ATOM   21  H "H5'"  . U  A 1 5  ? -3.545  12.623  -0.090  1.00 2.59 ? 4  U  A "H5'"  1 
ATOM   22  H "H5''" . U  A 1 5  ? -2.990  14.279  -0.600  1.00 2.64 ? 4  U  A "H5''" 1 
ATOM   23  H "H4'"  . U  A 1 5  ? -5.480  14.914  -0.418  1.00 2.39 ? 4  U  A "H4'"  1 
ATOM   24  H "H3'"  . U  A 1 5  ? -5.784  11.872  -0.623  1.00 1.76 ? 4  U  A "H3'"  1 
ATOM   25  H "H2'"  . U  A 1 5  ? -7.329  12.368  -2.668  1.00 1.96 ? 4  U  A "H2'"  1 
ATOM   26  H "HO2'" . U  A 1 5  ? -8.343  14.157  -2.562  1.00 3.01 ? 4  U  A "HO2'" 1 
ATOM   27  H "H1'"  . U  A 1 5  ? -5.839  13.780  -3.777  1.00 2.57 ? 4  U  A "H1'"  1 
ATOM   28  H H3     . U  A 1 5  ? -5.453  9.453   -5.356  1.00 1.70 ? 4  U  A H3     1 
ATOM   29  H H5     . U  A 1 5  ? -1.867  10.682  -3.551  1.00 1.88 ? 4  U  A H5     1 
ATOM   30  H H6     . U  A 1 5  ? -3.105  12.290  -2.333  1.00 1.87 ? 4  U  A H6     1 
ATOM   31  P P      . C  A 1 6  ? -7.562  12.168  1.611   1.00 2.17 ? 5  C  A P      1 
ATOM   32  O OP1    . C  A 1 6  ? -8.190  13.009  2.653   1.00 2.92 ? 5  C  A OP1    1 
ATOM   33  O OP2    . C  A 1 6  ? -6.322  11.426  1.929   1.00 2.79 ? 5  C  A OP2    1 
ATOM   34  O "O5'"  . C  A 1 6  ? -8.681  11.080  1.105   1.00 1.72 ? 5  C  A "O5'"  1 
ATOM   35  C "C5'"  . C  A 1 6  ? -8.318  10.337  -0.034  1.00 1.55 ? 5  C  A "C5'"  1 
ATOM   36  C "C4'"  . C  A 1 6  ? -9.379  9.738   -0.922  1.00 1.43 ? 5  C  A "C4'"  1 
ATOM   37  O "O4'"  . C  A 1 6  ? -8.893  9.929   -2.266  1.00 1.48 ? 5  C  A "O4'"  1 
ATOM   38  C "C3'"  . C  A 1 6  ? -9.616  8.219   -0.798  1.00 1.43 ? 5  C  A "C3'"  1 
ATOM   39  O "O3'"  . C  A 1 6  ? -10.777 7.993   -0.007  1.00 1.58 ? 5  C  A "O3'"  1 
ATOM   40  C "C2'"  . C  A 1 6  ? -9.782  7.861   -2.281  1.00 1.42 ? 5  C  A "C2'"  1 
ATOM   41  O "O2'"  . C  A 1 6  ? -11.083 8.295   -2.636  1.00 1.56 ? 5  C  A "O2'"  1 
ATOM   42  C "C1'"  . C  A 1 6  ? -8.758  8.638   -2.870  1.00 1.38 ? 5  C  A "C1'"  1 
ATOM   43  N N1     . C  A 1 6  ? -7.300  8.129   -2.871  1.00 1.29 ? 5  C  A N1     1 
ATOM   44  C C2     . C  A 1 6  ? -6.901  7.027   -3.691  1.00 1.21 ? 5  C  A C2     1 
ATOM   45  O O2     . C  A 1 6  ? -7.693  6.212   -4.127  1.00 1.23 ? 5  C  A O2     1 
ATOM   46  N N3     . C  A 1 6  ? -5.557  6.836   -3.912  1.00 1.17 ? 5  C  A N3     1 
ATOM   47  C C4     . C  A 1 6  ? -4.642  7.647   -3.372  1.00 1.25 ? 5  C  A C4     1 
ATOM   48  N N4     . C  A 1 6  ? -3.341  7.455   -3.565  1.00 1.26 ? 5  C  A N4     1 
ATOM   49  C C5     . C  A 1 6  ? -5.024  8.713   -2.554  1.00 1.37 ? 5  C  A C5     1 
ATOM   50  C C6     . C  A 1 6  ? -6.314  8.913   -2.331  1.00 1.38 ? 5  C  A C6     1 
ATOM   51  H "H5'"  . C  A 1 6  ? -7.567  9.591   0.225   1.00 1.93 ? 5  C  A "H5'"  1 
ATOM   52  H "H5''" . C  A 1 6  ? -7.908  11.070  -0.649  1.00 1.94 ? 5  C  A "H5''" 1 
ATOM   53  H "H4'"  . C  A 1 6  ? -10.315 10.277  -0.810  1.00 1.46 ? 5  C  A "H4'"  1 
ATOM   54  H "H3'"  . C  A 1 6  ? -8.758  7.754   -0.361  1.00 1.44 ? 5  C  A "H3'"  1 
ATOM   55  H "H2'"  . C  A 1 6  ? -9.628  6.909   -2.715  1.00 1.43 ? 5  C  A "H2'"  1 
ATOM   56  H "HO2'" . C  A 1 6  ? -11.101 8.386   -3.592  1.00 1.91 ? 5  C  A "HO2'" 1 
ATOM   57  H "H1'"  . C  A 1 6  ? -9.047  8.691   -3.865  1.00 1.41 ? 5  C  A "H1'"  1 
ATOM   58  H H41    . C  A 1 6  ? -3.008  6.701   -4.141  1.00 1.45 ? 5  C  A H41    1 
ATOM   59  H H42    . C  A 1 6  ? -2.677  8.079   -3.129  1.00 1.54 ? 5  C  A H42    1 
ATOM   60  H H5     . C  A 1 6  ? -4.275  9.378   -2.122  1.00 1.50 ? 5  C  A H5     1 
ATOM   61  H H6     . C  A 1 6  ? -6.565  9.715   -1.732  1.00 1.49 ? 5  C  A H6     1 
ATOM   62  P P      . C  A 1 7  ? -10.583 7.439   1.486   1.00 1.81 ? 6  C  A P      1 
ATOM   63  O OP1    . C  A 1 7  ? -11.820 7.696   2.256   1.00 2.32 ? 6  C  A OP1    1 
ATOM   64  O OP2    . C  A 1 7  ? -9.268  7.892   1.995   1.00 2.49 ? 6  C  A OP2    1 
ATOM   65  O "O5'"  . C  A 1 7  ? -10.497 5.889   1.158   1.00 1.61 ? 6  C  A "O5'"  1 
ATOM   66  C "C5'"  . C  A 1 7  ? -11.219 5.446   0.021   1.00 1.64 ? 6  C  A "C5'"  1 
ATOM   67  C "C4'"  . C  A 1 7  ? -10.372 4.787   -1.024  1.00 1.34 ? 6  C  A "C4'"  1 
ATOM   68  O "O4'"  . C  A 1 7  ? -9.232  5.547   -1.402  1.00 1.19 ? 6  C  A "O4'"  1 
ATOM   69  C "C3'"  . C  A 1 7  ? -9.700  3.415   -0.744  1.00 1.38 ? 6  C  A "C3'"  1 
ATOM   70  O "O3'"  . C  A 1 7  ? -10.622 2.361   -0.413  1.00 1.55 ? 6  C  A "O3'"  1 
ATOM   71  C "C2'"  . C  A 1 7  ? -9.059  3.278   -2.116  1.00 1.18 ? 6  C  A "C2'"  1 
ATOM   72  O "O2'"  . C  A 1 7  ? -10.188 3.036   -2.907  1.00 1.25 ? 6  C  A "O2'"  1 
ATOM   73  C "C1'"  . C  A 1 7  ? -8.450  4.659   -2.249  1.00 1.08 ? 6  C  A "C1'"  1 
ATOM   74  N N1     . C  A 1 7  ? -6.911  4.665   -1.939  1.00 1.06 ? 6  C  A N1     1 
ATOM   75  C C2     . C  A 1 7  ? -6.091  3.658   -2.501  1.00 1.00 ? 6  C  A C2     1 
ATOM   76  O O2     . C  A 1 7  ? -6.593  2.647   -2.997  1.00 1.01 ? 6  C  A O2     1 
ATOM   77  N N3     . C  A 1 7  ? -4.727  3.799   -2.443  1.00 1.00 ? 6  C  A N3     1 
ATOM   78  C C4     . C  A 1 7  ? -4.154  4.860   -1.862  1.00 1.09 ? 6  C  A C4     1 
ATOM   79  N N4     . C  A 1 7  ? -2.825  5.019   -1.877  1.00 1.16 ? 6  C  A N4     1 
ATOM   80  C C5     . C  A 1 7  ? -4.939  5.869   -1.266  1.00 1.16 ? 6  C  A C5     1 
ATOM   81  C C6     . C  A 1 7  ? -6.290  5.737   -1.315  1.00 1.13 ? 6  C  A C6     1 
ATOM   82  H "H5'"  . C  A 1 7  ? -11.684 6.341   -0.509  1.00 1.91 ? 6  C  A "H5'"  1 
ATOM   83  H "H5''" . C  A 1 7  ? -12.006 4.761   0.335   1.00 2.08 ? 6  C  A "H5''" 1 
ATOM   84  H "H4'"  . C  A 1 7  ? -11.050 4.745   -1.905  1.00 1.40 ? 6  C  A "H4'"  1 
ATOM   85  H "H3'"  . C  A 1 7  ? -8.933  3.554   0.027   1.00 1.45 ? 6  C  A "H3'"  1 
ATOM   86  H "H2'"  . C  A 1 7  ? -8.314  2.554   -2.366  1.00 1.16 ? 6  C  A "H2'"  1 
ATOM   87  H "HO2'" . C  A 1 7  ? -10.095 2.161   -3.289  1.00 1.39 ? 6  C  A "HO2'" 1 
ATOM   88  H "H1'"  . C  A 1 7  ? -8.647  5.030   -3.307  1.00 1.03 ? 6  C  A "H1'"  1 
ATOM   89  H H41    . C  A 1 7  ? -2.229  4.326   -2.293  1.00 1.53 ? 6  C  A H41    1 
ATOM   90  H H42    . C  A 1 7  ? -2.417  5.848   -1.468  1.00 1.37 ? 6  C  A H42    1 
ATOM   91  H H5     . C  A 1 7  ? -4.453  6.812   -0.914  1.00 1.28 ? 6  C  A H5     1 
ATOM   92  H H6     . C  A 1 7  ? -6.879  6.505   -0.896  1.00 1.19 ? 6  C  A H6     1 
ATOM   93  P P      . G  A 1 8  ? -10.689 1.751   1.096   1.00 1.96 ? 7  G  A P      1 
ATOM   94  O OP1    . G  A 1 8  ? -12.081 1.319   1.351   1.00 2.44 ? 7  G  A OP1    1 
ATOM   95  O OP2    . G  A 1 8  ? -10.049 2.726   2.009   1.00 2.57 ? 7  G  A OP2    1 
ATOM   96  O "O5'"  . G  A 1 8  ? -9.752  0.422   1.046   1.00 1.93 ? 7  G  A "O5'"  1 
ATOM   97  C "C5'"  . G  A 1 8  ? -8.402  0.519   0.572   1.00 1.99 ? 7  G  A "C5'"  1 
ATOM   98  C "C4'"  . G  A 1 8  ? -7.987  -0.595  -0.335  1.00 1.34 ? 7  G  A "C4'"  1 
ATOM   99  O "O4'"  . G  A 1 8  ? -7.609  0.081   -1.503  1.00 1.22 ? 7  G  A "O4'"  1 
ATOM   100 C "C3'"  . G  A 1 8  ? -6.731  -1.457  0.037   1.00 1.05 ? 7  G  A "C3'"  1 
ATOM   101 O "O3'"  . G  A 1 8  ? -7.103  -2.700  0.636   1.00 1.13 ? 7  G  A "O3'"  1 
ATOM   102 C "C2'"  . G  A 1 8  ? -6.132  -1.603  -1.366  1.00 0.98 ? 7  G  A "C2'"  1 
ATOM   103 O "O2'"  . G  A 1 8  ? -6.952  -2.449  -2.181  1.00 1.59 ? 7  G  A "O2'"  1 
ATOM   104 C "C1'"  . G  A 1 8  ? -6.261  -0.259  -1.722  1.00 0.89 ? 7  G  A "C1'"  1 
ATOM   105 N N9     . G  A 1 8  ? -5.258  0.580   -1.004  1.00 0.83 ? 7  G  A N9     1 
ATOM   106 C C8     . G  A 1 8  ? -5.366  1.802   -0.394  1.00 0.87 ? 7  G  A C8     1 
ATOM   107 N N7     . G  A 1 8  ? -4.287  2.458   -0.164  1.00 0.89 ? 7  G  A N7     1 
ATOM   108 C C5     . G  A 1 8  ? -3.318  1.596   -0.655  1.00 0.84 ? 7  G  A C5     1 
ATOM   109 C C6     . G  A 1 8  ? -1.918  1.762   -0.698  1.00 0.85 ? 7  G  A C6     1 
ATOM   110 O O6     . G  A 1 8  ? -1.270  2.732   -0.325  1.00 0.92 ? 7  G  A O6     1 
ATOM   111 N N1     . G  A 1 8  ? -1.289  0.660   -1.272  1.00 0.81 ? 7  G  A N1     1 
ATOM   112 C C2     . G  A 1 8  ? -1.938  -0.464  -1.742  1.00 0.78 ? 7  G  A C2     1 
ATOM   113 N N2     . G  A 1 8  ? -1.160  -1.419  -2.247  1.00 0.77 ? 7  G  A N2     1 
ATOM   114 N N3     . G  A 1 8  ? -3.264  -0.624  -1.704  1.00 0.78 ? 7  G  A N3     1 
ATOM   115 C C4     . G  A 1 8  ? -3.892  0.441   -1.153  1.00 0.80 ? 7  G  A C4     1 
ATOM   116 H "H5'"  . G  A 1 8  ? -7.700  0.577   1.391   1.00 2.71 ? 7  G  A "H5'"  1 
ATOM   117 H "H5''" . G  A 1 8  ? -8.366  1.430   -0.062  1.00 2.33 ? 7  G  A "H5''" 1 
ATOM   118 H "H4'"  . G  A 1 8  ? -8.833  -1.234  -0.567  1.00 1.67 ? 7  G  A "H4'"  1 
ATOM   119 H "H3'"  . G  A 1 8  ? -6.056  -0.880  0.679   1.00 1.42 ? 7  G  A "H3'"  1 
ATOM   120 H "H2'"  . G  A 1 8  ? -5.071  -1.795  -1.548  1.00 1.25 ? 7  G  A "H2'"  1 
ATOM   121 H "HO2'" . G  A 1 8  ? -7.701  -1.925  -2.475  1.00 1.94 ? 7  G  A "HO2'" 1 
ATOM   122 H "H1'"  . G  A 1 8  ? -6.050  -0.186  -2.772  1.00 1.26 ? 7  G  A "H1'"  1 
ATOM   123 H H8     . G  A 1 8  ? -6.312  2.213   -0.104  1.00 0.91 ? 7  G  A H8     1 
ATOM   124 H H1     . G  A 1 8  ? -0.281  0.706   -1.350  1.00 0.81 ? 7  G  A H1     1 
ATOM   125 H H21    . G  A 1 8  ? -0.159  -1.288  -2.281  1.00 1.06 ? 7  G  A H21    1 
ATOM   126 H H22    . G  A 1 8  ? -1.569  -2.272  -2.603  1.00 1.24 ? 7  G  A H22    1 
ATOM   127 P P      . G  A 1 9  ? -6.768  -2.996  2.189   1.00 1.47 ? 8  G  A P      1 
ATOM   128 O OP1    . G  A 1 9  ? -8.032  -2.967  2.959   1.00 2.19 ? 8  G  A OP1    1 
ATOM   129 O OP2    . G  A 1 9  ? -5.628  -2.145  2.594   1.00 2.26 ? 8  G  A OP2    1 
ATOM   130 O "O5'"  . G  A 1 9  ? -6.264  -4.511  2.094   1.00 1.23 ? 8  G  A "O5'"  1 
ATOM   131 C "C5'"  . G  A 1 9  ? -6.158  -5.079  0.793   1.00 1.39 ? 8  G  A "C5'"  1 
ATOM   132 C "C4'"  . G  A 1 9  ? -4.751  -5.476  0.412   1.00 1.22 ? 8  G  A "C4'"  1 
ATOM   133 O "O4'"  . G  A 1 9  ? -4.075  -4.408  -0.241  1.00 1.05 ? 8  G  A "O4'"  1 
ATOM   134 C "C3'"  . G  A 1 9  ? -3.809  -5.849  1.550   1.00 1.18 ? 8  G  A "C3'"  1 
ATOM   135 O "O3'"  . G  A 1 9  ? -4.042  -7.171  2.032   1.00 1.36 ? 8  G  A "O3'"  1 
ATOM   136 C "C2'"  . G  A 1 9  ? -2.515  -5.703  0.798   1.00 1.00 ? 8  G  A "C2'"  1 
ATOM   137 O "O2'"  . G  A 1 9  ? -2.356  -6.814  -0.067  1.00 1.10 ? 8  G  A "O2'"  1 
ATOM   138 C "C1'"  . G  A 1 9  ? -2.705  -4.471  0.198   1.00 0.96 ? 8  G  A "C1'"  1 
ATOM   139 N N9     . G  A 1 9  ? -2.346  -3.305  1.050   1.00 0.90 ? 8  G  A N9     1 
ATOM   140 C C8     . G  A 1 9  ? -3.152  -2.283  1.438   1.00 0.97 ? 8  G  A C8     1 
ATOM   141 N N7     . G  A 1 9  ? -2.600  -1.165  1.771   1.00 0.97 ? 8  G  A N7     1 
ATOM   142 C C5     . G  A 1 9  ? -1.242  -1.450  1.611   1.00 0.86 ? 8  G  A C5     1 
ATOM   143 C C6     . G  A 1 9  ? -0.109  -0.610  1.811   1.00 0.84 ? 8  G  A C6     1 
ATOM   144 O O6     . G  A 1 9  ? -0.095  0.569   2.134   1.00 0.93 ? 8  G  A O6     1 
ATOM   145 N N1     . G  A 1 9  ? 1.083   -1.281  1.545   1.00 0.78 ? 8  G  A N1     1 
ATOM   146 C C2     . G  A 1 9  ? 1.173   -2.569  1.144   1.00 0.78 ? 8  G  A C2     1 
ATOM   147 N N2     . G  A 1 9  ? 2.404   -2.977  0.962   1.00 0.84 ? 8  G  A N2     1 
ATOM   148 N N3     . G  A 1 9  ? 0.125   -3.388  0.945   1.00 0.81 ? 8  G  A N3     1 
ATOM   149 C C4     . G  A 1 9  ? -1.063  -2.761  1.193   1.00 0.83 ? 8  G  A C4     1 
ATOM   150 H "H5'"  . G  A 1 9  ? -6.459  -4.333  0.068   1.00 1.95 ? 8  G  A "H5'"  1 
ATOM   151 H "H5''" . G  A 1 9  ? -6.828  -5.941  0.702   1.00 1.87 ? 8  G  A "H5''" 1 
ATOM   152 H "H4'"  . G  A 1 9  ? -4.804  -6.309  -0.284  1.00 1.37 ? 8  G  A "H4'"  1 
ATOM   153 H "H3'"  . G  A 1 9  ? -3.869  -5.107  2.353   1.00 1.21 ? 8  G  A "H3'"  1 
ATOM   154 H "H2'"  . G  A 1 9  ? -1.651  -5.495  1.234   1.00 0.93 ? 8  G  A "H2'"  1 
ATOM   155 H "HO2'" . G  A 1 9  ? -1.436  -7.085  -0.022  1.00 1.22 ? 8  G  A "HO2'" 1 
ATOM   156 H "H1'"  . G  A 1 9  ? -2.048  -4.447  -0.661  1.00 0.96 ? 8  G  A "H1'"  1 
ATOM   157 H H8     . G  A 1 9  ? -4.236  -2.401  1.447   1.00 1.05 ? 8  G  A H8     1 
ATOM   158 H H1     . G  A 1 9  ? 1.961   -0.770  1.684   1.00 0.78 ? 8  G  A H1     1 
ATOM   159 H H21    . G  A 1 9  ? 3.173   -2.342  1.114   1.00 1.38 ? 8  G  A H21    1 
ATOM   160 H H22    . G  A 1 9  ? 2.580   -3.918  0.675   1.00 1.02 ? 8  G  A H22    1 
ATOM   161 P P      . U  A 1 10 ? -4.807  -7.362  3.432   1.00 1.18 ? 9  U  A P      1 
ATOM   162 O OP1    . U  A 1 10 ? -4.872  -8.809  3.734   1.00 1.86 ? 9  U  A OP1    1 
ATOM   163 O OP2    . U  A 1 10 ? -6.047  -6.554  3.398   1.00 1.76 ? 9  U  A OP2    1 
ATOM   164 O "O5'"  . U  A 1 10 ? -3.780  -6.672  4.467   1.00 1.28 ? 9  U  A "O5'"  1 
ATOM   165 C "C5'"  . U  A 1 10 ? -2.364  -6.671  4.221   1.00 1.32 ? 9  U  A "C5'"  1 
ATOM   166 C "C4'"  . U  A 1 10 ? -1.841  -8.095  3.873   1.00 1.09 ? 9  U  A "C4'"  1 
ATOM   167 O "O4'"  . U  A 1 10 ? -0.932  -8.038  2.752   1.00 1.11 ? 9  U  A "O4'"  1 
ATOM   168 C "C3'"  . U  A 1 10 ? -1.119  -8.790  5.026   1.00 0.93 ? 9  U  A "C3'"  1 
ATOM   169 O "O3'"  . U  A 1 10 ? -1.828  -9.952  5.454   1.00 0.99 ? 9  U  A "O3'"  1 
ATOM   170 C "C2'"  . U  A 1 10 ? 0.249   -9.148  4.518   1.00 0.84 ? 9  U  A "C2'"  1 
ATOM   171 O "O2'"  . U  A 1 10 ? 0.446   -10.565 4.533   1.00 0.93 ? 9  U  A "O2'"  1 
ATOM   172 C "C1'"  . U  A 1 10 ? 0.346   -8.605  3.108   1.00 0.92 ? 9  U  A "C1'"  1 
ATOM   173 N N1     . U  A 1 10 ? 1.406   -7.585  3.042   1.00 0.81 ? 9  U  A N1     1 
ATOM   174 C C2     . U  A 1 10 ? 2.556   -7.904  2.360   1.00 0.84 ? 9  U  A C2     1 
ATOM   175 O O2     . U  A 1 10 ? 2.638   -8.904  1.652   1.00 0.95 ? 9  U  A O2     1 
ATOM   176 N N3     . U  A 1 10 ? 3.604   -7.040  2.514   1.00 0.87 ? 9  U  A N3     1 
ATOM   177 C C4     . U  A 1 10 ? 3.623   -5.900  3.303   1.00 0.92 ? 9  U  A C4     1 
ATOM   178 O O4     . U  A 1 10 ? 4.678   -5.343  3.570   1.00 1.29 ? 9  U  A O4     1 
ATOM   179 C C5     . U  A 1 10 ? 2.371   -5.612  3.939   1.00 0.83 ? 9  U  A C5     1 
ATOM   180 C C6     . U  A 1 10 ? 1.314   -6.444  3.785   1.00 0.78 ? 9  U  A C6     1 
ATOM   181 H "H5'"  . U  A 1 10 ? -1.866  -6.253  5.090   1.00 1.86 ? 9  U  A "H5'"  1 
ATOM   182 H "H5''" . U  A 1 10 ? -2.143  -6.017  3.390   1.00 1.63 ? 9  U  A "H5''" 1 
ATOM   183 H "H4'"  . U  A 1 10 ? -2.683  -8.719  3.587   1.00 1.13 ? 9  U  A "H4'"  1 
ATOM   184 H "H3'"  . U  A 1 10 ? -1.016  -8.127  5.860   1.00 0.99 ? 9  U  A "H3'"  1 
ATOM   185 H "H2'"  . U  A 1 10 ? 1.006   -8.663  5.134   1.00 0.85 ? 9  U  A "H2'"  1 
ATOM   186 H "HO2'" . U  A 1 10 ? -0.342  -10.967 4.161   1.00 1.33 ? 9  U  A "HO2'" 1 
ATOM   187 H "H1'"  . U  A 1 10 ? 0.593   -9.431  2.444   1.00 1.06 ? 9  U  A "H1'"  1 
ATOM   188 H H3     . U  A 1 10 ? 4.383   -7.189  1.908   1.00 0.92 ? 9  U  A H3     1 
ATOM   189 H H5     . U  A 1 10 ? 2.271   -4.690  4.523   1.00 0.88 ? 9  U  A H5     1 
ATOM   190 H H6     . U  A 1 10 ? 0.352   -6.163  4.186   1.00 0.84 ? 9  U  A H6     1 
HETATM 191 P P      . CH A 1 11 ? -2.228  -10.094 7.007   1.00 1.21 ? 10 CH A P      1 
HETATM 192 O OP1    . CH A 1 11 ? -1.645  -11.353 7.522   1.00 1.50 ? 10 CH A OP1    1 
HETATM 193 O OP2    . CH A 1 11 ? -3.681  -9.845  7.136   1.00 2.04 ? 10 CH A OP2    1 
HETATM 194 O "O5'"  . CH A 1 11 ? -1.440  -8.855  7.684   1.00 1.21 ? 10 CH A "O5'"  1 
HETATM 195 C "C5'"  . CH A 1 11 ? -0.045  -8.966  7.990   1.00 1.16 ? 10 CH A "C5'"  1 
HETATM 196 C "C4'"  . CH A 1 11 ? 0.606   -7.634  8.350   1.00 1.17 ? 10 CH A "C4'"  1 
HETATM 197 O "O4'"  . CH A 1 11 ? 1.984   -7.877  8.541   1.00 1.12 ? 10 CH A "O4'"  1 
HETATM 198 C "C3'"  . CH A 1 11 ? 0.514   -6.423  7.350   1.00 1.19 ? 10 CH A "C3'"  1 
HETATM 199 O "O3'"  . CH A 1 11 ? -0.684  -5.589  7.558   1.00 1.47 ? 10 CH A "O3'"  1 
HETATM 200 C "C2'"  . CH A 1 11 ? 1.741   -5.677  7.817   1.00 1.07 ? 10 CH A "C2'"  1 
HETATM 201 O "O2'"  . CH A 1 11 ? 1.268   -4.987  8.938   1.00 1.16 ? 10 CH A "O2'"  1 
HETATM 202 C "C1'"  . CH A 1 11 ? 2.686   -6.759  8.048   1.00 1.07 ? 10 CH A "C1'"  1 
HETATM 203 N N1     . CH A 1 11 ? 3.532   -7.112  6.909   1.00 0.98 ? 10 CH A N1     1 
HETATM 204 C C2     . CH A 1 11 ? 4.363   -6.103  6.416   1.00 0.96 ? 10 CH A C2     1 
HETATM 205 O O2     . CH A 1 11 ? 4.160   -4.902  6.666   1.00 1.01 ? 10 CH A O2     1 
HETATM 206 N N3     . CH A 1 11 ? 5.432   -6.534  5.642   1.00 0.92 ? 10 CH A N3     1 
HETATM 207 C C4     . CH A 1 11 ? 5.669   -7.832  5.363   1.00 0.89 ? 10 CH A C4     1 
HETATM 208 N N4     . CH A 1 11 ? 6.758   -8.109  4.639   1.00 0.88 ? 10 CH A N4     1 
HETATM 209 C C5     . CH A 1 11 ? 4.789   -8.837  5.845   1.00 0.92 ? 10 CH A C5     1 
HETATM 210 C C6     . CH A 1 11 ? 3.741   -8.442  6.599   1.00 0.96 ? 10 CH A C6     1 
HETATM 211 H "H5'"  . CH A 1 11 ? 0.474   -9.399  7.140   1.00 1.60 ? 10 CH A "H5'"  1 
HETATM 212 H "H5''" . CH A 1 11 ? 0.090   -9.636  8.868   1.00 1.29 ? 10 CH A "H5''" 1 
HETATM 213 H "H4'"  . CH A 1 11 ? 0.202   -7.311  9.306   1.00 1.33 ? 10 CH A "H4'"  1 
HETATM 214 H "H3'"  . CH A 1 11 ? 0.632   -6.741  6.315   1.00 1.35 ? 10 CH A "H3'"  1 
HETATM 215 H "H2'"  . CH A 1 11 ? 2.287   -4.991  7.220   1.00 1.19 ? 10 CH A "H2'"  1 
HETATM 216 H "HO2'" . CH A 1 11 ? 1.707   -4.134  8.957   1.00 1.13 ? 10 CH A "HO2'" 1 
HETATM 217 H "H1'"  . CH A 1 11 ? 3.382   -6.437  8.808   1.00 1.19 ? 10 CH A "H1'"  1 
HETATM 218 H HN3    . CH A 1 11 ? 6.104   -5.863  5.361   1.00 0.94 ? 10 CH A HN3    1 
HETATM 219 H H41    . CH A 1 11 ? 7.370   -7.361  4.325   1.00 1.23 ? 10 CH A H41    1 
HETATM 220 H H42    . CH A 1 11 ? 6.959   -9.055  4.383   1.00 1.24 ? 10 CH A H42    1 
HETATM 221 H H5     . CH A 1 11 ? 4.953   -9.881  5.633   1.00 0.95 ? 10 CH A H5     1 
HETATM 222 H H6     . CH A 1 11 ? 3.034   -9.191  6.951   1.00 0.99 ? 10 CH A H6     1 
ATOM   223 P P      . G  A 1 12 ? -1.959  -5.949  8.546   1.00 1.73 ? 11 G  A P      1 
ATOM   224 O OP1    . G  A 1 12 ? -1.719  -7.215  9.267   1.00 2.52 ? 11 G  A OP1    1 
ATOM   225 O OP2    . G  A 1 12 ? -3.191  -5.812  7.735   1.00 2.41 ? 11 G  A OP2    1 
ATOM   226 O "O5'"  . G  A 1 12 ? -1.979  -4.756  9.663   1.00 1.46 ? 11 G  A "O5'"  1 
ATOM   227 C "C5'"  . G  A 1 12 ? -0.862  -4.584  10.551  1.00 1.38 ? 11 G  A "C5'"  1 
ATOM   228 C "C4'"  . G  A 1 12 ? -0.880  -3.320  11.392  1.00 1.42 ? 11 G  A "C4'"  1 
ATOM   229 O "O4'"  . G  A 1 12 ? -0.264  -3.740  12.584  1.00 1.45 ? 11 G  A "O4'"  1 
ATOM   230 C "C3'"  . G  A 1 12 ? -0.012  -2.083  10.923  1.00 1.37 ? 11 G  A "C3'"  1 
ATOM   231 O "O3'"  . G  A 1 12 ? -0.833  -0.979  10.476  1.00 1.44 ? 11 G  A "O3'"  1 
ATOM   232 C "C2'"  . G  A 1 12 ? 0.730   -1.757  12.235  1.00 1.38 ? 11 G  A "C2'"  1 
ATOM   233 O "O2'"  . G  A 1 12 ? -0.141  -1.101  13.163  1.00 1.51 ? 11 G  A "O2'"  1 
ATOM   234 C "C1'"  . G  A 1 12 ? 0.987   -3.077  12.621  1.00 1.39 ? 11 G  A "C1'"  1 
ATOM   235 N N9     . G  A 1 12 ? 2.044   -3.667  11.751  1.00 1.27 ? 11 G  A N9     1 
ATOM   236 C C8     . G  A 1 12 ? 2.164   -4.921  11.234  1.00 1.23 ? 11 G  A C8     1 
ATOM   237 N N7     . G  A 1 12 ? 3.309   -5.280  10.774  1.00 1.18 ? 11 G  A N7     1 
ATOM   238 C C5     . G  A 1 12 ? 4.076   -4.146  11.000  1.00 1.17 ? 11 G  A C5     1 
ATOM   239 C C6     . G  A 1 12 ? 5.444   -3.923  10.729  1.00 1.15 ? 11 G  A C6     1 
ATOM   240 O O6     . G  A 1 12 ? 6.257   -4.708  10.255  1.00 1.13 ? 11 G  A O6     1 
ATOM   241 N N1     . G  A 1 12 ? 5.841   -2.651  11.106  1.00 1.18 ? 11 G  A N1     1 
ATOM   242 C C2     . G  A 1 12 ? 5.034   -1.702  11.679  1.00 1.23 ? 11 G  A C2     1 
ATOM   243 N N2     . G  A 1 12 ? 5.622   -0.535  11.958  1.00 1.28 ? 11 G  A N2     1 
ATOM   244 N N3     . G  A 1 12 ? 3.731   -1.900  11.945  1.00 1.26 ? 11 G  A N3     1 
ATOM   245 C C4     . G  A 1 12 ? 3.318   -3.144  11.582  1.00 1.23 ? 11 G  A C4     1 
ATOM   246 H "H5'"  . G  A 1 12 ? 0.020   -4.540  9.934   1.00 1.29 ? 11 G  A "H5'"  1 
ATOM   247 H "H5''" . G  A 1 12 ? -0.830  -5.472  11.331  1.00 1.41 ? 11 G  A "H5''" 1 
ATOM   248 H "H4'"  . G  A 1 12 ? -1.897  -3.016  11.612  1.00 1.51 ? 11 G  A "H4'"  1 
ATOM   249 H "H3'"  . G  A 1 12 ? 0.702   -2.394  10.152  1.00 1.32 ? 11 G  A "H3'"  1 
ATOM   250 H "H2'"  . G  A 1 12 ? 1.727   -1.295  12.240  1.00 1.35 ? 11 G  A "H2'"  1 
ATOM   251 H "HO2'" . G  A 1 12 ? 0.408   -0.566  13.741  1.00 1.89 ? 11 G  A "HO2'" 1 
ATOM   252 H "H1'"  . G  A 1 12 ? 1.375   -3.064  13.640  1.00 1.45 ? 11 G  A "H1'"  1 
ATOM   253 H H8     . G  A 1 12 ? 1.362   -5.629  11.290  1.00 1.25 ? 11 G  A H8     1 
ATOM   254 H H1     . G  A 1 12 ? 6.798   -2.414  10.915  1.00 1.18 ? 11 G  A H1     1 
ATOM   255 H H21    . G  A 1 12 ? 6.604   -0.403  11.763  1.00 1.53 ? 11 G  A H21    1 
ATOM   256 H H22    . G  A 1 12 ? 5.088   0.214   12.370  1.00 1.54 ? 11 G  A H22    1 
ATOM   257 P P      . A  A 1 13 ? -0.624  -0.303  9.014   1.00 1.58 ? 12 A  A P      1 
ATOM   258 O OP1    . A  A 1 13 ? -1.924  0.246   8.567   1.00 1.93 ? 12 A  A OP1    1 
ATOM   259 O OP2    . A  A 1 13 ? 0.104   -1.267  8.158   1.00 1.83 ? 12 A  A OP2    1 
ATOM   260 O "O5'"  . A  A 1 13 ? 0.371   0.943   9.333   1.00 1.62 ? 12 A  A "O5'"  1 
ATOM   261 C "C5'"  . A  A 1 13 ? 0.089   1.805   10.442  1.00 1.53 ? 12 A  A "C5'"  1 
ATOM   262 C "C4'"  . A  A 1 13 ? 1.257   2.698   10.876  1.00 1.40 ? 12 A  A "C4'"  1 
ATOM   263 O "O4'"  . A  A 1 13 ? 1.976   1.929   11.804  1.00 1.29 ? 12 A  A "O4'"  1 
ATOM   264 C "C3'"  . A  A 1 13 ? 2.339   3.160   9.825   1.00 1.42 ? 12 A  A "C3'"  1 
ATOM   265 O "O3'"  . A  A 1 13 ? 2.114   4.503   9.382   1.00 1.58 ? 12 A  A "O3'"  1 
ATOM   266 C "C2'"  . A  A 1 13 ? 3.595   3.039   10.696  1.00 1.30 ? 12 A  A "C2'"  1 
ATOM   267 O "O2'"  . A  A 1 13 ? 3.632   4.086   11.667  1.00 1.44 ? 12 A  A "O2'"  1 
ATOM   268 C "C1'"  . A  A 1 13 ? 3.268   1.804   11.260  1.00 1.27 ? 12 A  A "C1'"  1 
ATOM   269 N N9     . A  A 1 13 ? 3.371   0.749   10.259  1.00 1.20 ? 12 A  A N9     1 
ATOM   270 C C8     . A  A 1 13 ? 2.543   -0.270  10.013  1.00 1.16 ? 12 A  A C8     1 
ATOM   271 N N7     . A  A 1 13 ? 3.000   -1.282  9.365   1.00 1.10 ? 12 A  A N7     1 
ATOM   272 C C5     . A  A 1 13 ? 4.310   -0.876  9.131   1.00 1.09 ? 12 A  A C5     1 
ATOM   273 C C6     . A  A 1 13 ? 5.380   -1.487  8.497   1.00 1.05 ? 12 A  A C6     1 
ATOM   274 N N6     . A  A 1 13 ? 5.288   -2.721  7.983   1.00 0.98 ? 12 A  A N6     1 
ATOM   275 N N1     . A  A 1 13 ? 6.571   -0.783  8.440   1.00 1.08 ? 12 A  A N1     1 
ATOM   276 C C2     . A  A 1 13 ? 6.631   0.450   9.001   1.00 1.16 ? 12 A  A C2     1 
ATOM   277 N N3     . A  A 1 13 ? 5.661   1.085   9.628   1.00 1.20 ? 12 A  A N3     1 
ATOM   278 C C4     . A  A 1 13 ? 4.532   0.366   9.658   1.00 1.16 ? 12 A  A C4     1 
ATOM   279 H "H5'"  . A  A 1 13 ? -0.150  1.159   11.339  1.00 1.64 ? 12 A  A "H5'"  1 
ATOM   280 H "H5''" . A  A 1 13 ? -0.773  2.429   10.205  1.00 2.06 ? 12 A  A "H5''" 1 
ATOM   281 H "H4'"  . A  A 1 13 ? 0.869   3.568   11.398  1.00 1.53 ? 12 A  A "H4'"  1 
ATOM   282 H "H3'"  . A  A 1 13 ? 2.383   2.454   8.988   1.00 1.62 ? 12 A  A "H3'"  1 
ATOM   283 H "H2'"  . A  A 1 13 ? 4.585   2.860   10.273  1.00 1.41 ? 12 A  A "H2'"  1 
ATOM   284 H "HO2'" . A  A 1 13 ? 4.010   3.724   12.466  1.00 1.78 ? 12 A  A "HO2'" 1 
ATOM   285 H "H1'"  . A  A 1 13 ? 3.985   1.570   12.049  1.00 1.30 ? 12 A  A "H1'"  1 
ATOM   286 H H8     . A  A 1 13 ? 1.529   -0.222  10.330  1.00 1.20 ? 12 A  A H8     1 
ATOM   287 H H61    . A  A 1 13 ? 6.098   -3.116  7.541   1.00 1.08 ? 12 A  A H61    1 
ATOM   288 H H62    . A  A 1 13 ? 4.420   -3.260  8.015   1.00 1.26 ? 12 A  A H62    1 
ATOM   289 H H2     . A  A 1 13 ? 7.568   1.008   8.924   1.00 1.20 ? 12 A  A H2     1 
ATOM   290 P P      . C  A 1 14 ? 1.852   4.810   7.824   1.00 1.75 ? 13 C  A P      1 
ATOM   291 O OP1    . C  A 1 14 ? 1.058   6.055   7.723   1.00 1.95 ? 13 C  A OP1    1 
ATOM   292 O OP2    . C  A 1 14 ? 1.363   3.569   7.183   1.00 2.57 ? 13 C  A OP2    1 
ATOM   293 O "O5'"  . C  A 1 14 ? 3.333   5.111   7.276   1.00 1.53 ? 13 C  A "O5'"  1 
ATOM   294 C "C5'"  . C  A 1 14 ? 4.281   5.791   8.102   1.00 1.39 ? 13 C  A "C5'"  1 
ATOM   295 C "C4'"  . C  A 1 14 ? 5.710   5.592   7.603   1.00 1.21 ? 13 C  A "C4'"  1 
ATOM   296 O "O4'"  . C  A 1 14 ? 6.147   4.234   7.821   1.00 1.20 ? 13 C  A "O4'"  1 
ATOM   297 C "C3'"  . C  A 1 14 ? 5.821   5.888   6.112   1.00 1.23 ? 13 C  A "C3'"  1 
ATOM   298 O "O3'"  . C  A 1 14 ? 6.602   7.067   5.879   1.00 1.29 ? 13 C  A "O3'"  1 
ATOM   299 C "C2'"  . C  A 1 14 ? 6.479   4.682   5.491   1.00 1.27 ? 13 C  A "C2'"  1 
ATOM   300 O "O2'"  . C  A 1 14 ? 7.698   5.044   4.834   1.00 1.55 ? 13 C  A "O2'"  1 
ATOM   301 C "C1'"  . C  A 1 14 ? 6.742   3.705   6.618   1.00 1.22 ? 13 C  A "C1'"  1 
ATOM   302 N N1     . C  A 1 14 ? 6.196   2.377   6.282   1.00 1.19 ? 13 C  A N1     1 
ATOM   303 C C2     . C  A 1 14 ? 7.030   1.510   5.594   1.00 1.33 ? 13 C  A C2     1 
ATOM   304 O O2     . C  A 1 14 ? 8.184   1.840   5.330   1.00 1.48 ? 13 C  A O2     1 
ATOM   305 N N3     . C  A 1 14 ? 6.538   0.302   5.222   1.00 1.32 ? 13 C  A N3     1 
ATOM   306 C C4     . C  A 1 14 ? 5.281   -0.048  5.506   1.00 1.16 ? 13 C  A C4     1 
ATOM   307 N N4     . C  A 1 14 ? 4.824   -1.225  5.072   1.00 1.08 ? 13 C  A N4     1 
ATOM   308 C C5     . C  A 1 14 ? 4.411   0.840   6.221   1.00 1.05 ? 13 C  A C5     1 
ATOM   309 C C6     . C  A 1 14 ? 4.909   2.037   6.593   1.00 1.08 ? 13 C  A C6     1 
ATOM   310 H "H5'"  . C  A 1 14 ? 4.203   5.410   9.120   1.00 1.81 ? 13 C  A "H5'"  1 
ATOM   311 H "H5''" . C  A 1 14 ? 4.050   6.857   8.103   1.00 1.92 ? 13 C  A "H5''" 1 
ATOM   312 H "H4'"  . C  A 1 14 ? 6.372   6.266   8.148   1.00 1.31 ? 13 C  A "H4'"  1 
ATOM   313 H "H3'"  . C  A 1 14 ? 4.824   6.015   5.683   1.00 1.35 ? 13 C  A "H3'"  1 
ATOM   314 H "H2'"  . C  A 1 14 ? 5.797   4.220   4.780   1.00 1.35 ? 13 C  A "H2'"  1 
ATOM   315 H "HO2'" . C  A 1 14 ? 7.882   4.368   4.180   1.00 1.68 ? 13 C  A "HO2'" 1 
ATOM   316 H "H1'"  . C  A 1 14 ? 7.814   3.616   6.758   1.00 1.40 ? 13 C  A "H1'"  1 
ATOM   317 H H41    . C  A 1 14 ? 5.436   -1.859  4.576   1.00 1.04 ? 13 C  A H41    1 
ATOM   318 H H42    . C  A 1 14 ? 3.866   -1.466  5.208   1.00 1.51 ? 13 C  A H42    1 
ATOM   319 H H5     . C  A 1 14 ? 3.385   0.557   6.454   1.00 1.01 ? 13 C  A H5     1 
ATOM   320 H H6     . C  A 1 14 ? 4.289   2.726   7.169   1.00 1.10 ? 13 C  A H6     1 
ATOM   321 P P      . U  A 1 15 ? 6.715   7.690   4.398   1.00 1.84 ? 14 U  A P      1 
ATOM   322 O OP1    . U  A 1 15 ? 5.617   8.666   4.221   1.00 2.52 ? 14 U  A OP1    1 
ATOM   323 O OP2    . U  A 1 15 ? 6.872   6.576   3.437   1.00 2.67 ? 14 U  A OP2    1 
ATOM   324 O "O5'"  . U  A 1 15 ? 8.105   8.502   4.458   1.00 1.84 ? 14 U  A "O5'"  1 
ATOM   325 C "C5'"  . U  A 1 15 ? 9.338   7.860   4.121   1.00 2.14 ? 14 U  A "C5'"  1 
ATOM   326 C "C4'"  . U  A 1 15 ? 9.590   7.877   2.613   1.00 2.26 ? 14 U  A "C4'"  1 
ATOM   327 O "O4'"  . U  A 1 15 ? 10.008  9.188   2.184   1.00 3.01 ? 14 U  A "O4'"  1 
ATOM   328 C "C3'"  . U  A 1 15 ? 10.679  6.881   2.222   1.00 2.44 ? 14 U  A "C3'"  1 
ATOM   329 O "O3'"  . U  A 1 15 ? 10.190  5.962   1.238   1.00 2.12 ? 14 U  A "O3'"  1 
ATOM   330 C "C2'"  . U  A 1 15 ? 11.820  7.699   1.667   1.00 3.34 ? 14 U  A "C2'"  1 
ATOM   331 O "O2'"  . U  A 1 15 ? 12.183  7.242   0.360   1.00 3.69 ? 14 U  A "O2'"  1 
ATOM   332 C "C1'"  . U  A 1 15 ? 11.337  9.140   1.623   1.00 3.62 ? 14 U  A "C1'"  1 
ATOM   333 N N1     . U  A 1 15 ? 12.247  10.022  2.375   1.00 4.31 ? 14 U  A N1     1 
ATOM   334 C C2     . U  A 1 15 ? 13.580  10.026  2.013   1.00 4.91 ? 14 U  A C2     1 
ATOM   335 O O2     . U  A 1 15 ? 14.012  9.324   1.101   1.00 4.99 ? 14 U  A O2     1 
ATOM   336 N N3     . U  A 1 15 ? 14.404  10.868  2.739   1.00 5.63 ? 14 U  A N3     1 
ATOM   337 C C4     . U  A 1 15 ? 14.014  11.695  3.779   1.00 5.81 ? 14 U  A C4     1 
ATOM   338 O O4     . U  A 1 15 ? 14.834  12.404  4.357   1.00 6.52 ? 14 U  A O4     1 
ATOM   339 C C5     . U  A 1 15 ? 12.604  11.627  4.088   1.00 5.30 ? 14 U  A C5     1 
ATOM   340 C C6     . U  A 1 15 ? 11.778  10.809  3.392   1.00 4.61 ? 14 U  A C6     1 
ATOM   341 H "H5'"  . U  A 1 15 ? 9.306   6.827   4.465   1.00 2.42 ? 14 U  A "H5'"  1 
ATOM   342 H "H5''" . U  A 1 15 ? 10.156  8.376   4.624   1.00 2.75 ? 14 U  A "H5''" 1 
ATOM   343 H "H4'"  . U  A 1 15 ? 8.668   7.614   2.097   1.00 2.15 ? 14 U  A "H4'"  1 
ATOM   344 H "H3'"  . U  A 1 15 ? 11.021  6.334   3.105   1.00 2.59 ? 14 U  A "H3'"  1 
ATOM   345 H "H2'"  . U  A 1 15 ? 12.679  7.625   2.337   1.00 3.78 ? 14 U  A "H2'"  1 
ATOM   346 H "HO2'" . U  A 1 15 ? 13.116  7.434   0.240   1.00 3.80 ? 14 U  A "HO2'" 1 
ATOM   347 H "H1'"  . U  A 1 15 ? 11.299  9.471   0.586   1.00 4.03 ? 14 U  A "H1'"  1 
ATOM   348 H H3     . U  A 1 15 ? 15.382  10.882  2.486   1.00 6.19 ? 14 U  A H3     1 
ATOM   349 H H5     . U  A 1 15 ? 12.198  12.241  4.892   1.00 5.64 ? 14 U  A H5     1 
ATOM   350 H H6     . U  A 1 15 ? 10.718  10.779  3.644   1.00 4.47 ? 14 U  A H6     1 
ATOM   351 P P      . C  A 1 16 ? 10.483  4.384   1.367   1.00 1.97 ? 15 C  A P      1 
ATOM   352 O OP1    . C  A 1 16 ? 10.320  3.998   2.787   1.00 2.61 ? 15 C  A OP1    1 
ATOM   353 O OP2    . C  A 1 16 ? 11.749  4.089   0.661   1.00 2.62 ? 15 C  A OP2    1 
ATOM   354 O "O5'"  . C  A 1 16 ? 9.273   3.733   0.526   1.00 1.69 ? 15 C  A "O5'"  1 
ATOM   355 C "C5'"  . C  A 1 16 ? 8.133   3.197   1.203   1.00 1.05 ? 15 C  A "C5'"  1 
ATOM   356 C "C4'"  . C  A 1 16 ? 8.122   1.680   1.178   1.00 0.99 ? 15 C  A "C4'"  1 
ATOM   357 O "O4'"  . C  A 1 16 ? 7.635   1.305   2.450   1.00 0.96 ? 15 C  A "O4'"  1 
ATOM   358 C "C3'"  . C  A 1 16 ? 7.175   0.939   0.163   1.00 1.05 ? 15 C  A "C3'"  1 
ATOM   359 O "O3'"  . C  A 1 16 ? 7.837   0.542   -1.056  1.00 1.20 ? 15 C  A "O3'"  1 
ATOM   360 C "C2'"  . C  A 1 16 ? 6.819   -0.248  1.045   1.00 0.94 ? 15 C  A "C2'"  1 
ATOM   361 O "O2'"  . C  A 1 16 ? 7.958   -1.065  1.195   1.00 1.07 ? 15 C  A "O2'"  1 
ATOM   362 C "C1'"  . C  A 1 16 ? 6.516   0.480   2.204   1.00 0.91 ? 15 C  A "C1'"  1 
ATOM   363 N N1     . C  A 1 16 ? 5.243   1.227   2.081   1.00 0.91 ? 15 C  A N1     1 
ATOM   364 C C2     . C  A 1 16 ? 4.114   0.458   1.879   1.00 0.85 ? 15 C  A C2     1 
ATOM   365 O O2     . C  A 1 16 ? 4.234   -0.713  1.519   1.00 0.82 ? 15 C  A O2     1 
ATOM   366 N N3     . C  A 1 16 ? 2.904   1.002   2.064   1.00 0.88 ? 15 C  A N3     1 
ATOM   367 C C4     . C  A 1 16 ? 2.780   2.262   2.427   1.00 0.99 ? 15 C  A C4     1 
ATOM   368 N N4     . C  A 1 16 ? 1.565   2.728   2.642   1.00 1.06 ? 15 C  A N4     1 
ATOM   369 C C5     . C  A 1 16 ? 3.932   3.094   2.616   1.00 1.05 ? 15 C  A C5     1 
ATOM   370 C C6     . C  A 1 16 ? 5.137   2.538   2.426   1.00 1.00 ? 15 C  A C6     1 
ATOM   371 H "H5'"  . C  A 1 16 ? 7.222   3.584   0.748   1.00 1.22 ? 15 C  A "H5'"  1 
ATOM   372 H "H5''" . C  A 1 16 ? 8.183   3.491   2.302   1.00 1.29 ? 15 C  A "H5''" 1 
ATOM   373 H "H4'"  . C  A 1 16 ? 9.136   1.304   1.080   1.00 1.01 ? 15 C  A "H4'"  1 
ATOM   374 H "H3'"  . C  A 1 16 ? 6.292   1.560   -0.027  1.00 1.17 ? 15 C  A "H3'"  1 
ATOM   375 H "H2'"  . C  A 1 16 ? 5.953   -0.880  0.875   1.00 1.09 ? 15 C  A "H2'"  1 
ATOM   376 H "HO2'" . C  A 1 16 ? 7.855   -1.753  0.519   1.00 0.91 ? 15 C  A "HO2'" 1 
ATOM   377 H "H1'"  . C  A 1 16 ? 6.395   -0.220  3.018   1.00 0.92 ? 15 C  A "H1'"  1 
ATOM   378 H H41    . C  A 1 16 ? 0.766   2.127   2.507   1.00 1.15 ? 15 C  A H41    1 
ATOM   379 H H42    . C  A 1 16 ? 1.438   3.660   2.930   1.00 1.33 ? 15 C  A H42    1 
ATOM   380 H H5     . C  A 1 16 ? 3.844   4.126   2.934   1.00 1.16 ? 15 C  A H5     1 
ATOM   381 H H6     . C  A 1 16 ? 6.024   3.142   2.542   1.00 1.06 ? 15 C  A H6     1 
ATOM   382 P P      . C  A 1 17 ? 7.646   1.393   -2.423  1.00 1.46 ? 16 C  A P      1 
ATOM   383 O OP1    . C  A 1 17 ? 8.976   1.557   -3.051  1.00 2.16 ? 16 C  A OP1    1 
ATOM   384 O OP2    . C  A 1 17 ? 6.830   2.588   -2.108  1.00 1.95 ? 16 C  A OP2    1 
ATOM   385 O "O5'"  . C  A 1 17 ? 6.761   0.415   -3.366  1.00 1.31 ? 16 C  A "O5'"  1 
ATOM   386 C "C5'"  . C  A 1 17 ? 7.293   -0.837  -3.816  1.00 0.95 ? 16 C  A "C5'"  1 
ATOM   387 C "C4'"  . C  A 1 17 ? 6.277   -1.967  -3.727  1.00 0.86 ? 16 C  A "C4'"  1 
ATOM   388 O "O4'"  . C  A 1 17 ? 5.745   -1.937  -2.420  1.00 0.86 ? 16 C  A "O4'"  1 
ATOM   389 C "C3'"  . C  A 1 17 ? 5.038   -1.948  -4.678  1.00 0.79 ? 16 C  A "C3'"  1 
ATOM   390 O "O3'"  . C  A 1 17 ? 5.263   -2.698  -5.907  1.00 0.87 ? 16 C  A "O3'"  1 
ATOM   391 C "C2'"  . C  A 1 17 ? 4.038   -2.681  -3.780  1.00 0.75 ? 16 C  A "C2'"  1 
ATOM   392 O "O2'"  . C  A 1 17 ? 4.281   -4.069  -3.923  1.00 0.82 ? 16 C  A "O2'"  1 
ATOM   393 C "C1'"  . C  A 1 17 ? 4.337   -2.073  -2.521  1.00 0.79 ? 16 C  A "C1'"  1 
ATOM   394 N N1     . C  A 1 17 ? 3.615   -0.763  -2.301  1.00 0.79 ? 16 C  A N1     1 
ATOM   395 C C2     . C  A 1 17 ? 2.222   -0.804  -2.243  1.00 0.76 ? 16 C  A C2     1 
ATOM   396 O O2     . C  A 1 17 ? 1.635   -1.787  -2.674  1.00 0.75 ? 16 C  A O2     1 
ATOM   397 N N3     . C  A 1 17 ? 1.536   0.251   -1.754  1.00 0.79 ? 16 C  A N3     1 
ATOM   398 C C4     . C  A 1 17 ? 2.156   1.344   -1.333  1.00 0.86 ? 16 C  A C4     1 
ATOM   399 N N4     . C  A 1 17 ? 1.404   2.339   -0.821  1.00 0.92 ? 16 C  A N4     1 
ATOM   400 C C5     . C  A 1 17 ? 3.599   1.437   -1.401  1.00 0.90 ? 16 C  A C5     1 
ATOM   401 C C6     . C  A 1 17 ? 4.284   0.361   -1.897  1.00 0.85 ? 16 C  A C6     1 
ATOM   402 H "H5'"  . C  A 1 17 ? 8.130   -1.114  -3.130  1.00 1.07 ? 16 C  A "H5'"  1 
ATOM   403 H "H5''" . C  A 1 17 ? 7.662   -0.743  -4.837  1.00 1.56 ? 16 C  A "H5''" 1 
ATOM   404 H "H4'"  . C  A 1 17 ? 6.796   -2.913  -3.850  1.00 0.91 ? 16 C  A "H4'"  1 
ATOM   405 H "H3'"  . C  A 1 17 ? 4.707   -0.923  -4.873  1.00 0.79 ? 16 C  A "H3'"  1 
ATOM   406 H "H2'"  . C  A 1 17 ? 2.994   -2.547  -3.838  1.00 0.71 ? 16 C  A "H2'"  1 
ATOM   407 H "HO2'" . C  A 1 17 ? 3.663   -4.353  -4.661  1.00 0.85 ? 16 C  A "HO2'" 1 
ATOM   408 H "H1'"  . C  A 1 17 ? 4.006   -2.755  -1.738  1.00 0.82 ? 16 C  A "H1'"  1 
ATOM   409 H H41    . C  A 1 17 ? 0.390   2.251   -0.787  1.00 1.34 ? 16 C  A H41    1 
ATOM   410 H H42    . C  A 1 17 ? 1.821   3.172   -0.479  1.00 1.22 ? 16 C  A H42    1 
ATOM   411 H H5     . C  A 1 17 ? 4.122   2.326   -1.050  1.00 0.97 ? 16 C  A H5     1 
ATOM   412 H H6     . C  A 1 17 ? 5.379   0.381   -1.954  1.00 0.89 ? 16 C  A H6     1 
ATOM   413 P P      . G  A 1 18 ? 5.122   -2.038  -7.394  1.00 0.96 ? 17 G  A P      1 
ATOM   414 O OP1    . G  A 1 18 ? 6.012   -2.785  -8.311  1.00 1.75 ? 17 G  A OP1    1 
ATOM   415 O OP2    . G  A 1 18 ? 5.273   -0.572  -7.260  1.00 1.53 ? 17 G  A OP2    1 
ATOM   416 O "O5'"  . G  A 1 18 ? 3.585   -2.345  -7.826  1.00 0.96 ? 17 G  A "O5'"  1 
ATOM   417 C "C5'"  . G  A 1 18 ? 2.554   -1.788  -7.019  1.00 1.14 ? 17 G  A "C5'"  1 
ATOM   418 C "C4'"  . G  A 1 18 ? 1.263   -2.523  -6.951  1.00 0.97 ? 17 G  A "C4'"  1 
ATOM   419 O "O4'"  . G  A 1 18 ? 1.118   -2.670  -5.568  1.00 0.94 ? 17 G  A "O4'"  1 
ATOM   420 C "C3'"  . G  A 1 18 ? -0.033  -1.771  -7.389  1.00 1.03 ? 17 G  A "C3'"  1 
ATOM   421 O "O3'"  . G  A 1 18 ? -0.549  -2.264  -8.627  1.00 1.11 ? 17 G  A "O3'"  1 
ATOM   422 C "C2'"  . G  A 1 18 ? -0.947  -2.102  -6.239  1.00 1.03 ? 17 G  A "C2'"  1 
ATOM   423 O "O2'"  . G  A 1 18 ? -1.390  -3.447  -6.372  1.00 1.14 ? 17 G  A "O2'"  1 
ATOM   424 C "C1'"  . G  A 1 18 ? -0.020  -1.914  -5.221  1.00 0.95 ? 17 G  A "C1'"  1 
ATOM   425 N N9     . G  A 1 18 ? 0.181   -0.460  -4.926  1.00 0.88 ? 17 G  A N9     1 
ATOM   426 C C8     . G  A 1 18 ? 1.306   0.267   -4.633  1.00 0.87 ? 17 G  A C8     1 
ATOM   427 N N7     . G  A 1 18 ? 1.159   1.401   -4.046  1.00 0.91 ? 17 G  A N7     1 
ATOM   428 C C5     . G  A 1 18 ? -0.218  1.487   -3.923  1.00 0.90 ? 17 G  A C5     1 
ATOM   429 C C6     . G  A 1 18 ? -1.005  2.510   -3.347  1.00 0.94 ? 17 G  A C6     1 
ATOM   430 O O6     . G  A 1 18 ? -0.627  3.544   -2.802  1.00 1.04 ? 17 G  A O6     1 
ATOM   431 N N1     . G  A 1 18 ? -2.355  2.218   -3.426  1.00 0.92 ? 17 G  A N1     1 
ATOM   432 C C2     . G  A 1 18 ? -2.900  1.090   -3.985  1.00 0.92 ? 17 G  A C2     1 
ATOM   433 N N2     . G  A 1 18 ? -4.238  1.020   -3.959  1.00 0.97 ? 17 G  A N2     1 
ATOM   434 N N3     . G  A 1 18 ? -2.167  0.109   -4.533  1.00 0.93 ? 17 G  A N3     1 
ATOM   435 C C4     . G  A 1 18 ? -0.833  0.370   -4.469  1.00 0.88 ? 17 G  A C4     1 
ATOM   436 H "H5'"  . G  A 1 18 ? 2.360   -0.763  -7.296  1.00 1.64 ? 17 G  A "H5'"  1 
ATOM   437 H "H5''" . G  A 1 18 ? 2.931   -1.860  -5.992  1.00 1.79 ? 17 G  A "H5''" 1 
ATOM   438 H "H4'"  . G  A 1 18 ? 1.333   -3.504  -7.409  1.00 1.07 ? 17 G  A "H4'"  1 
ATOM   439 H "H3'"  . G  A 1 18 ? 0.161   -0.715  -7.395  1.00 1.07 ? 17 G  A "H3'"  1 
ATOM   440 H "H2'"  . G  A 1 18 ? -1.761  -1.461  -5.935  1.00 1.08 ? 17 G  A "H2'"  1 
ATOM   441 H "HO2'" . G  A 1 18 ? -0.763  -4.001  -5.901  1.00 1.27 ? 17 G  A "HO2'" 1 
ATOM   442 H "H1'"  . G  A 1 18 ? -0.436  -2.324  -4.360  1.00 1.01 ? 17 G  A "H1'"  1 
ATOM   443 H H8     . G  A 1 18 ? 2.291   -0.083  -4.869  1.00 0.86 ? 17 G  A H8     1 
ATOM   444 H H1     . G  A 1 18 ? -2.972  2.899   -3.037  1.00 0.95 ? 17 G  A H1     1 
ATOM   445 H H21    . G  A 1 18 ? -4.770  1.768   -3.540  1.00 1.36 ? 17 G  A H21    1 
ATOM   446 H H22    . G  A 1 18 ? -4.713  0.222   -4.355  1.00 1.15 ? 17 G  A H22    1 
ATOM   447 P P      . G  A 1 19 ? 0.418   -2.541  -9.881  1.00 1.14 ? 18 G  A P      1 
ATOM   448 O OP1    . G  A 1 19 ? 0.096   -3.872  -10.440 1.00 1.83 ? 18 G  A OP1    1 
ATOM   449 O OP2    . G  A 1 19 ? 1.807   -2.211  -9.487  1.00 1.69 ? 18 G  A OP2    1 
ATOM   450 O "O5'"  . G  A 1 19 ? -0.096  -1.424  -10.900 1.00 1.33 ? 18 G  A "O5'"  1 
ATOM   451 C "C5'"  . G  A 1 19 ? -0.848  -0.324  -10.381 1.00 1.30 ? 18 G  A "C5'"  1 
ATOM   452 C "C4'"  . G  A 1 19 ? -2.224  -0.662  -10.017 1.00 1.36 ? 18 G  A "C4'"  1 
ATOM   453 O "O4'"  . G  A 1 19 ? -2.170  -0.637  -8.592  1.00 1.26 ? 18 G  A "O4'"  1 
ATOM   454 C "C3'"  . G  A 1 19 ? -3.272  0.371   -10.394 1.00 1.52 ? 18 G  A "C3'"  1 
ATOM   455 O "O3'"  . G  A 1 19 ? -4.031  0.054   -11.606 1.00 1.71 ? 18 G  A "O3'"  1 
ATOM   456 C "C2'"  . G  A 1 19 ? -4.136  0.339   -9.148  1.00 1.50 ? 18 G  A "C2'"  1 
ATOM   457 O "O2'"  . G  A 1 19 ? -5.037  -0.770  -9.252  1.00 1.68 ? 18 G  A "O2'"  1 
ATOM   458 C "C1'"  . G  A 1 19 ? -3.148  0.280   -8.123  1.00 1.28 ? 18 G  A "C1'"  1 
ATOM   459 N N9     . G  A 1 19 ? -2.646  1.661   -7.720  1.00 1.14 ? 18 G  A N9     1 
ATOM   460 C C8     . G  A 1 19 ? -1.374  2.101   -7.517  1.00 1.07 ? 18 G  A C8     1 
ATOM   461 N N7     . G  A 1 19 ? -1.192  3.163   -6.800  1.00 1.04 ? 18 G  A N7     1 
ATOM   462 C C5     . G  A 1 19 ? -2.493  3.519   -6.459  1.00 1.03 ? 18 G  A C5     1 
ATOM   463 C C6     . G  A 1 19 ? -2.968  4.608   -5.656  1.00 1.05 ? 18 G  A C6     1 
ATOM   464 O O6     . G  A 1 19 ? -2.294  5.406   -5.035  1.00 1.11 ? 18 G  A O6     1 
ATOM   465 N N1     . G  A 1 19 ? -4.382  4.638   -5.569  1.00 1.07 ? 18 G  A N1     1 
ATOM   466 C C2     . G  A 1 19 ? -5.171  3.727   -6.151  1.00 1.15 ? 18 G  A C2     1 
ATOM   467 N N2     . G  A 1 19 ? -6.457  3.908   -5.917  1.00 1.25 ? 18 G  A N2     1 
ATOM   468 N N3     . G  A 1 19 ? -4.726  2.699   -6.896  1.00 1.19 ? 18 G  A N3     1 
ATOM   469 C C4     . G  A 1 19 ? -3.392  2.642   -7.019  1.00 1.10 ? 18 G  A C4     1 
ATOM   470 H "H5'"  . G  A 1 19 ? -0.846  0.494   -11.081 1.00 1.40 ? 18 G  A "H5'"  1 
ATOM   471 H "H5''" . G  A 1 19 ? -0.426  -0.041  -9.403  1.00 1.22 ? 18 G  A "H5''" 1 
ATOM   472 H "H4'"  . G  A 1 19 ? -2.498  -1.656  -10.350 1.00 1.42 ? 18 G  A "H4'"  1 
ATOM   473 H "H3'"  . G  A 1 19 ? -2.787  1.330   -10.474 1.00 1.54 ? 18 G  A "H3'"  1 
ATOM   474 H "H2'"  . G  A 1 19 ? -4.638  1.167   -8.864  1.00 1.56 ? 18 G  A "H2'"  1 
ATOM   475 H "HO2'" . G  A 1 19 ? -5.723  -0.642  -8.592  1.00 1.90 ? 18 G  A "HO2'" 1 
ATOM   476 H "H1'"  . G  A 1 19 ? -3.573  -0.157  -7.203  1.00 1.29 ? 18 G  A "H1'"  1 
ATOM   477 H H8     . G  A 1 19 ? -0.537  1.560   -7.899  1.00 1.09 ? 18 G  A H8     1 
ATOM   478 H H1     . G  A 1 19 ? -4.864  5.459   -5.116  1.00 1.09 ? 18 G  A H1     1 
ATOM   479 H H21    . G  A 1 19 ? -6.763  4.683   -5.348  1.00 1.53 ? 18 G  A H21    1 
ATOM   480 H H22    . G  A 1 19 ? -7.133  3.270   -6.307  1.00 1.55 ? 18 G  A H22    1 
ATOM   481 P P      . A  A 1 20 ? -3.661  0.682   -13.082 1.00 1.90 ? 19 A  A P      1 
ATOM   482 O OP1    . A  A 1 20 ? -3.999  -0.333  -14.106 1.00 2.30 ? 19 A  A OP1    1 
ATOM   483 O OP2    . A  A 1 20 ? -2.283  1.216   -13.014 1.00 2.63 ? 19 A  A OP2    1 
ATOM   484 O "O5'"  . A  A 1 20 ? -4.681  1.951   -13.278 1.00 1.66 ? 19 A  A "O5'"  1 
ATOM   485 C "C5'"  . A  A 1 20 ? -4.833  2.850   -12.189 1.00 1.45 ? 19 A  A "C5'"  1 
ATOM   486 C "C4'"  . A  A 1 20 ? -6.219  3.240   -11.824 1.00 1.42 ? 19 A  A "C4'"  1 
ATOM   487 O "O4'"  . A  A 1 20 ? -6.232  2.720   -10.529 1.00 1.30 ? 19 A  A "O4'"  1 
ATOM   488 C "C3'"  . A  A 1 20 ? -6.587  4.743   -11.627 1.00 1.45 ? 19 A  A "C3'"  1 
ATOM   489 O "O3'"  . A  A 1 20 ? -7.459  5.231   -12.657 1.00 1.59 ? 19 A  A "O3'"  1 
ATOM   490 C "C2'"  . A  A 1 20 ? -7.292  4.650   -10.273 1.00 1.32 ? 19 A  A "C2'"  1 
ATOM   491 O "O2'"  . A  A 1 20 ? -8.608  4.102   -10.399 1.00 1.37 ? 19 A  A "O2'"  1 
ATOM   492 C "C1'"  . A  A 1 20 ? -6.424  3.794   -9.631  1.00 1.21 ? 19 A  A "C1'"  1 
ATOM   493 N N9     . A  A 1 20 ? -5.193  4.580   -9.191  1.00 1.16 ? 19 A  A N9     1 
ATOM   494 C C8     . A  A 1 20 ? -3.912  4.253   -9.241  1.00 1.16 ? 19 A  A C8     1 
ATOM   495 N N7     . A  A 1 20 ? -3.052  4.926   -8.580  1.00 1.15 ? 19 A  A N7     1 
ATOM   496 C C5     . A  A 1 20 ? -3.847  5.866   -7.982  1.00 1.15 ? 19 A  A C5     1 
ATOM   497 C C6     . A  A 1 20 ? -3.546  6.899   -7.108  1.00 1.19 ? 19 A  A C6     1 
ATOM   498 N N6     . A  A 1 20 ? -2.302  7.082   -6.680  1.00 1.24 ? 19 A  A N6     1 
ATOM   499 N N1     . A  A 1 20 ? -4.562  7.673   -6.669  1.00 1.21 ? 19 A  A N1     1 
ATOM   500 C C2     . A  A 1 20 ? -5.794  7.391   -7.112  1.00 1.19 ? 19 A  A C2     1 
ATOM   501 N N3     . A  A 1 20 ? -6.184  6.430   -7.946  1.00 1.16 ? 19 A  A N3     1 
ATOM   502 C C4     . A  A 1 20 ? -5.153  5.691   -8.345  1.00 1.14 ? 19 A  A C4     1 
ATOM   503 H "H5'"  . A  A 1 20 ? -4.161  3.707   -12.259 1.00 1.84 ? 19 A  A "H5'"  1 
ATOM   504 H "H5''" . A  A 1 20 ? -4.587  2.255   -11.338 1.00 1.41 ? 19 A  A "H5''" 1 
ATOM   505 H "H4'"  . A  A 1 20 ? -6.962  2.715   -12.415 1.00 1.50 ? 19 A  A "H4'"  1 
ATOM   506 H "H3'"  . A  A 1 20 ? -5.679  5.349   -11.542 1.00 1.50 ? 19 A  A "H3'"  1 
ATOM   507 H "H2'"  . A  A 1 20 ? -7.278  5.460   -9.615  1.00 1.33 ? 19 A  A "H2'"  1 
ATOM   508 H "HO2'" . A  A 1 20 ? -9.195  4.647   -9.871  1.00 1.58 ? 19 A  A "HO2'" 1 
ATOM   509 H "H1'"  . A  A 1 20 ? -6.916  3.392   -8.737  1.00 1.15 ? 19 A  A "H1'"  1 
ATOM   510 H H8     . A  A 1 20 ? -3.633  3.434   -9.750  1.00 1.18 ? 19 A  A H8     1 
ATOM   511 H H61    . A  A 1 20 ? -2.096  7.831   -6.036  1.00 1.57 ? 19 A  A H61    1 
ATOM   512 H H62    . A  A 1 20 ? -1.566  6.461   -6.986  1.00 1.45 ? 19 A  A H62    1 
ATOM   513 H H2     . A  A 1 20 ? -6.564  7.997   -6.744  1.00 1.23 ? 19 A  A H2     1 
ATOM   514 P P      . G  A 1 21 ? -7.021  6.486   -13.569 1.00 1.97 ? 20 G  A P      1 
ATOM   515 O OP1    . G  A 1 21 ? -7.499  6.245   -14.949 1.00 2.47 ? 20 G  A OP1    1 
ATOM   516 O OP2    . G  A 1 21 ? -5.588  6.760   -13.324 1.00 2.74 ? 20 G  A OP2    1 
ATOM   517 O "O5'"  . G  A 1 21 ? -7.879  7.699   -12.944 1.00 2.07 ? 20 G  A "O5'"  1 
ATOM   518 C "C5'"  . G  A 1 21 ? -9.308  7.611   -12.857 1.00 2.05 ? 20 G  A "C5'"  1 
ATOM   519 C "C4'"  . G  A 1 21 ? -9.768  7.062   -11.503 1.00 1.87 ? 20 G  A "C4'"  1 
ATOM   520 O "O4'"  . G  A 1 21 ? -8.631  6.772   -10.642 1.00 1.89 ? 20 G  A "O4'"  1 
ATOM   521 C "C3'"  . G  A 1 21 ? -10.680 8.028   -10.737 1.00 1.67 ? 20 G  A "C3'"  1 
ATOM   522 O "O3'"  . G  A 1 21 ? -12.076 7.669   -10.898 1.00 1.79 ? 20 G  A "O3'"  1 
ATOM   523 C "C2'"  . G  A 1 21 ? -10.235 7.828   -9.325  1.00 1.58 ? 20 G  A "C2'"  1 
ATOM   524 O "O2'"  . G  A 1 21 ? -10.967 6.732   -8.800  1.00 1.73 ? 20 G  A "O2'"  1 
ATOM   525 C "C1'"  . G  A 1 21 ? -8.791  7.490   -9.404  1.00 1.72 ? 20 G  A "C1'"  1 
ATOM   526 N N9     . G  A 1 21 ? -7.911  8.691   -9.400  1.00 1.88 ? 20 G  A N9     1 
ATOM   527 C C8     . G  A 1 21 ? -6.620  8.806   -9.804  1.00 2.03 ? 20 G  A C8     1 
ATOM   528 N N7     . G  A 1 21 ? -6.057  9.964   -9.703  1.00 2.30 ? 20 G  A N7     1 
ATOM   529 C C5     . G  A 1 21 ? -7.088  10.737  -9.164  1.00 2.38 ? 20 G  A C5     1 
ATOM   530 C C6     . G  A 1 21 ? -7.107  12.116  -8.814  1.00 2.81 ? 20 G  A C6     1 
ATOM   531 O O6     . G  A 1 21 ? -6.201  12.939  -8.911  1.00 3.08 ? 20 G  A O6     1 
ATOM   532 N N1     . G  A 1 21 ? -8.343  12.495  -8.305  1.00 3.10 ? 20 G  A N1     1 
ATOM   533 C C2     . G  A 1 21 ? -9.428  11.658  -8.149  1.00 3.01 ? 20 G  A C2     1 
ATOM   534 N N2     . G  A 1 21 ? -10.529 12.205  -7.634  1.00 3.56 ? 20 G  A N2     1 
ATOM   535 N N3     . G  A 1 21 ? -9.418  10.362  -8.477  1.00 2.54 ? 20 G  A N3     1 
ATOM   536 C C4     . G  A 1 21 ? -8.225  9.969   -8.975  1.00 2.20 ? 20 G  A C4     1 
ATOM   537 H "H5'"  . G  A 1 21 ? -9.667  6.922   -13.611 1.00 2.25 ? 20 G  A "H5'"  1 
ATOM   538 H "H5''" . G  A 1 21 ? -9.729  8.607   -13.045 1.00 2.26 ? 20 G  A "H5''" 1 
ATOM   539 H "H4'"  . G  A 1 21 ? -10.317 6.131   -11.662 1.00 2.01 ? 20 G  A "H4'"  1 
ATOM   540 H "H3'"  . G  A 1 21 ? -10.502 9.063   -11.035 1.00 1.71 ? 20 G  A "H3'"  1 
ATOM   541 H "H2'"  . G  A 1 21 ? -10.344 8.691   -8.713  1.00 1.60 ? 20 G  A "H2'"  1 
ATOM   542 H "HO2'" . G  A 1 21 ? -10.365 6.220   -8.258  1.00 2.16 ? 20 G  A "HO2'" 1 
ATOM   543 H "H1'"  . G  A 1 21 ? -8.565  6.880   -8.540  1.00 1.76 ? 20 G  A "H1'"  1 
ATOM   544 H H8     . G  A 1 21 ? -6.076  7.948   -10.198 1.00 2.13 ? 20 G  A H8     1 
ATOM   545 H H1     . G  A 1 21 ? -8.433  13.464  -8.034  1.00 3.50 ? 20 G  A H1     1 
ATOM   546 H H21    . G  A 1 21 ? -10.539 13.184  -7.387  1.00 3.91 ? 20 G  A H21    1 
ATOM   547 H H22    . G  A 1 21 ? -11.352 11.637  -7.487  1.00 3.86 ? 20 G  A H22    1 
ATOM   548 P P      . A  A 1 22 ? -13.274 8.610   -10.335 1.00 2.24 ? 21 A  A P      1 
ATOM   549 O OP1    . A  A 1 22 ? -13.356 9.807   -11.200 1.00 2.34 ? 21 A  A OP1    1 
ATOM   550 O OP2    . A  A 1 22 ? -13.093 8.778   -8.876  1.00 3.15 ? 21 A  A OP2    1 
ATOM   551 O "O5'"  . A  A 1 22 ? -14.612 7.719   -10.592 1.00 2.61 ? 21 A  A "O5'"  1 
ATOM   552 C "C5'"  . A  A 1 22 ? -15.269 6.994   -9.528  1.00 2.35 ? 21 A  A "C5'"  1 
ATOM   553 C "C4'"  . A  A 1 22 ? -14.353 5.910   -8.976  1.00 1.97 ? 21 A  A "C4'"  1 
ATOM   554 O "O4'"  . A  A 1 22 ? -13.161 6.511   -8.511  1.00 1.94 ? 21 A  A "O4'"  1 
ATOM   555 C "C3'"  . A  A 1 22 ? -14.962 5.126   -7.805  1.00 1.88 ? 21 A  A "C3'"  1 
ATOM   556 O "O3'"  . A  A 1 22 ? -15.128 3.733   -8.212  1.00 2.28 ? 21 A  A "O3'"  1 
ATOM   557 C "C2'"  . A  A 1 22 ? -13.997 5.325   -6.651  1.00 1.93 ? 21 A  A "C2'"  1 
ATOM   558 O "O2'"  . A  A 1 22 ? -13.706 4.140   -5.924  1.00 2.61 ? 21 A  A "O2'"  1 
ATOM   559 C "C1'"  . A  A 1 22 ? -12.763 5.896   -7.292  1.00 1.67 ? 21 A  A "C1'"  1 
ATOM   560 N N9     . A  A 1 22 ? -12.099 6.880   -6.456  1.00 1.40 ? 21 A  A N9     1 
ATOM   561 C C8     . A  A 1 22 ? -12.385 8.156   -6.326  1.00 2.05 ? 21 A  A C8     1 
ATOM   562 N N7     . A  A 1 22 ? -11.406 8.995   -6.266  1.00 2.64 ? 21 A  A N7     1 
ATOM   563 C C5     . A  A 1 22 ? -10.351 8.106   -6.297  1.00 2.30 ? 21 A  A C5     1 
ATOM   564 C C6     . A  A 1 22 ? -8.998  8.227   -6.299  1.00 3.07 ? 21 A  A C6     1 
ATOM   565 N N6     . A  A 1 22 ? -8.390  9.422   -6.288  1.00 4.12 ? 21 A  A N6     1 
ATOM   566 N N1     . A  A 1 22 ? -8.292  7.063   -6.290  1.00 3.05 ? 21 A  A N1     1 
ATOM   567 C C2     . A  A 1 22 ? -8.965  5.889   -6.293  1.00 2.47 ? 21 A  A C2     1 
ATOM   568 N N3     . A  A 1 22 ? -10.189 5.737   -6.360  1.00 1.79 ? 21 A  A N3     1 
ATOM   569 C C4     . A  A 1 22 ? -10.802 6.864   -6.350  1.00 1.52 ? 21 A  A C4     1 
ATOM   570 H "H5'"  . A  A 1 22 ? -16.177 6.534   -9.915  1.00 2.35 ? 21 A  A "H5'"  1 
ATOM   571 H "H5''" . A  A 1 22 ? -15.529 7.687   -8.728  1.00 2.94 ? 21 A  A "H5''" 1 
ATOM   572 H "H4'"  . A  A 1 22 ? -14.104 5.216   -9.776  1.00 2.30 ? 21 A  A "H4'"  1 
ATOM   573 H "H3'"  . A  A 1 22 ? -15.914 5.574   -7.531  1.00 2.04 ? 21 A  A "H3'"  1 
ATOM   574 H "H2'"  . A  A 1 22 ? -14.416 6.076   -5.973  1.00 2.18 ? 21 A  A "H2'"  1 
ATOM   575 H "HO2'" . A  A 1 22 ? -13.176 4.391   -5.166  1.00 3.00 ? 21 A  A "HO2'" 1 
ATOM   576 H "H1'"  . A  A 1 22 ? -12.037 5.105   -7.590  1.00 2.06 ? 21 A  A "H1'"  1 
ATOM   577 H H8     . A  A 1 22 ? -13.347 8.404   -6.021  1.00 2.47 ? 21 A  A H8     1 
ATOM   578 H H61    . A  A 1 22 ? -7.390  9.491   -6.265  1.00 4.73 ? 21 A  A H61    1 
ATOM   579 H H62    . A  A 1 22 ? -8.947  10.263  -6.279  1.00 4.47 ? 21 A  A H62    1 
ATOM   580 H H2     . A  A 1 22 ? -8.477  5.007   -5.981  1.00 2.89 ? 21 A  A H2     1 
ATOM   581 P P      . A  A 1 23 ? -14.985 2.440   -7.232  1.00 2.52 ? 22 A  A P      1 
ATOM   582 O OP1    . A  A 1 23 ? -15.562 1.270   -7.933  1.00 2.93 ? 22 A  A OP1    1 
ATOM   583 O OP2    . A  A 1 23 ? -15.494 2.818   -5.894  1.00 3.34 ? 22 A  A OP2    1 
ATOM   584 O "O5'"  . A  A 1 23 ? -13.375 2.212   -7.115  1.00 2.14 ? 22 A  A "O5'"  1 
ATOM   585 C "C5'"  . A  A 1 23 ? -12.831 0.895   -6.866  1.00 1.93 ? 22 A  A "C5'"  1 
ATOM   586 C "C4'"  . A  A 1 23 ? -12.110 0.790   -5.506  1.00 1.55 ? 22 A  A "C4'"  1 
ATOM   587 O "O4'"  . A  A 1 23 ? -10.662 0.898   -5.581  1.00 1.53 ? 22 A  A "O4'"  1 
ATOM   588 C "C3'"  . A  A 1 23 ? -12.460 1.959   -4.651  1.00 1.72 ? 22 A  A "C3'"  1 
ATOM   589 O "O3'"  . A  A 1 23 ? -12.073 1.716   -3.255  1.00 2.82 ? 22 A  A "O3'"  1 
ATOM   590 C "C2'"  . A  A 1 23 ? -11.596 3.044   -5.292  1.00 1.62 ? 22 A  A "C2'"  1 
ATOM   591 O "O2'"  . A  A 1 23 ? -11.319 4.113   -4.382  1.00 2.54 ? 22 A  A "O2'"  1 
ATOM   592 C "C1'"  . A  A 1 23 ? -10.324 2.310   -5.702  1.00 0.97 ? 22 A  A "C1'"  1 
ATOM   593 N N9     . A  A 1 23 ? -9.885  2.412   -7.092  1.00 1.18 ? 22 A  A N9     1 
ATOM   594 C C8     . A  A 1 23 ? -10.602 2.483   -8.248  1.00 2.23 ? 22 A  A C8     1 
ATOM   595 N N7     . A  A 1 23 ? -10.054 2.009   -9.327  1.00 2.99 ? 22 A  A N7     1 
ATOM   596 C C5     . A  A 1 23 ? -8.812  1.585   -8.847  1.00 2.23 ? 22 A  A C5     1 
ATOM   597 C C6     . A  A 1 23 ? -7.699  0.964   -9.440  1.00 2.44 ? 22 A  A C6     1 
ATOM   598 N N6     . A  A 1 23 ? -7.626  0.562   -10.700 1.00 3.48 ? 22 A  A N6     1 
ATOM   599 N N1     . A  A 1 23 ? -6.654  0.723   -8.672  1.00 1.60 ? 22 A  A N1     1 
ATOM   600 C C2     . A  A 1 23 ? -6.648  1.042   -7.403  1.00 0.97 ? 22 A  A C2     1 
ATOM   601 N N3     . A  A 1 23 ? -7.634  1.594   -6.715  1.00 0.92 ? 22 A  A N3     1 
ATOM   602 C C4     . A  A 1 23 ? -8.699  1.849   -7.509  1.00 1.19 ? 22 A  A C4     1 
ATOM   603 H "H5'"  . A  A 1 23 ? -12.145 0.622   -7.661  1.00 2.57 ? 22 A  A "H5'"  1 
ATOM   604 H "H5''" . A  A 1 23 ? -13.654 0.181   -6.870  1.00 2.11 ? 22 A  A "H5''" 1 
ATOM   605 H "H4'"  . A  A 1 23 ? -12.405 -0.143  -5.066  1.00 2.27 ? 22 A  A "H4'"  1 
ATOM   606 H "H3'"  . A  A 1 23 ? -13.522 2.202   -4.738  1.00 1.89 ? 22 A  A "H3'"  1 
ATOM   607 H "H2'"  . A  A 1 23 ? -12.096 3.415   -6.181  1.00 1.94 ? 22 A  A "H2'"  1 
ATOM   608 H "HO2'" . A  A 1 23 ? -10.890 4.807   -4.886  1.00 2.58 ? 22 A  A "HO2'" 1 
ATOM   609 H "H1'"  . A  A 1 23 ? -9.492  2.633   -5.024  1.00 1.33 ? 22 A  A "H1'"  1 
ATOM   610 H H8     . A  A 1 23 ? -11.599 2.921   -8.268  1.00 2.55 ? 22 A  A H8     1 
ATOM   611 H H61    . A  A 1 23 ? -6.781  0.127   -11.039 1.00 3.95 ? 22 A  A H61    1 
ATOM   612 H H62    . A  A 1 23 ? -8.412  0.691   -11.320 1.00 3.99 ? 22 A  A H62    1 
ATOM   613 H H2     . A  A 1 23 ? -5.639  0.987   -6.916  1.00 1.15 ? 22 A  A H2     1 
ATOM   614 P P      . A  A 1 24 ? -11.798 0.209   -2.644  1.00 3.38 ? 23 A  A P      1 
ATOM   615 O OP1    . A  A 1 24 ? -13.075 -0.536  -2.686  1.00 3.79 ? 23 A  A OP1    1 
ATOM   616 O OP2    . A  A 1 24 ? -11.065 0.320   -1.370  1.00 4.45 ? 23 A  A OP2    1 
ATOM   617 O "O5'"  . A  A 1 24 ? -10.789 -0.462  -3.736  1.00 2.65 ? 23 A  A "O5'"  1 
ATOM   618 C "C5'"  . A  A 1 24 ? -10.870 -1.859  -4.122  1.00 2.44 ? 23 A  A "C5'"  1 
ATOM   619 C "C4'"  . A  A 1 24 ? -10.655 -2.050  -5.644  1.00 2.07 ? 23 A  A "C4'"  1 
ATOM   620 O "O4'"  . A  A 1 24 ? -9.684  -1.104  -6.139  1.00 1.74 ? 23 A  A "O4'"  1 
ATOM   621 C "C3'"  . A  A 1 24 ? -10.158 -3.458  -6.006  1.00 1.98 ? 23 A  A "C3'"  1 
ATOM   622 O "O3'"  . A  A 1 24 ? -11.162 -4.211  -6.705  1.00 2.30 ? 23 A  A "O3'"  1 
ATOM   623 C "C2'"  . A  A 1 24 ? -8.950  -3.253  -6.891  1.00 1.64 ? 23 A  A "C2'"  1 
ATOM   624 O "O2'"  . A  A 1 24 ? -9.261  -3.555  -8.256  1.00 1.79 ? 23 A  A "O2'"  1 
ATOM   625 C "C1'"  . A  A 1 24 ? -8.568  -1.798  -6.731  1.00 1.56 ? 23 A  A "C1'"  1 
ATOM   626 N N9     . A  A 1 24 ? -7.401  -1.710  -5.875  1.00 1.68 ? 23 A  A N9     1 
ATOM   627 C C8     . A  A 1 24 ? -7.301  -1.345  -4.584  1.00 2.59 ? 23 A  A C8     1 
ATOM   628 N N7     . A  A 1 24 ? -6.138  -1.414  -4.039  1.00 2.71 ? 23 A  A N7     1 
ATOM   629 C C5     . A  A 1 24 ? -5.368  -1.888  -5.100  1.00 1.78 ? 23 A  A C5     1 
ATOM   630 C C6     . A  A 1 24 ? -4.025  -2.204  -5.218  1.00 1.70 ? 23 A  A C6     1 
ATOM   631 N N6     . A  A 1 24 ? -3.167  -2.088  -4.214  1.00 2.28 ? 23 A  A N6     1 
ATOM   632 N N1     . A  A 1 24 ? -3.591  -2.652  -6.413  1.00 1.57 ? 23 A  A N1     1 
ATOM   633 C C2     . A  A 1 24 ? -4.443  -2.780  -7.433  1.00 1.52 ? 23 A  A C2     1 
ATOM   634 N N3     . A  A 1 24 ? -5.737  -2.511  -7.425  1.00 1.11 ? 23 A  A N3     1 
ATOM   635 C C4     . A  A 1 24 ? -6.133  -2.066  -6.219  1.00 1.21 ? 23 A  A C4     1 
ATOM   636 H "H5'"  . A  A 1 24 ? -11.854 -2.244  -3.851  1.00 2.71 ? 23 A  A "H5'"  1 
ATOM   637 H "H5''" . A  A 1 24 ? -10.109 -2.417  -3.578  1.00 2.67 ? 23 A  A "H5''" 1 
ATOM   638 H "H4'"  . A  A 1 24 ? -11.599 -1.878  -6.157  1.00 2.27 ? 23 A  A "H4'"  1 
ATOM   639 H "H3'"  . A  A 1 24 ? -9.857  -3.988  -5.099  1.00 2.02 ? 23 A  A "H3'"  1 
ATOM   640 H "H2'"  . A  A 1 24 ? -8.121  -3.883  -6.551  1.00 1.51 ? 23 A  A "H2'"  1 
ATOM   641 H "HO2'" . A  A 1 24 ? -9.570  -4.464  -8.281  1.00 2.14 ? 23 A  A "HO2'" 1 
ATOM   642 H "H1'"  . A  A 1 24 ? -8.322  -1.363  -7.697  1.00 1.54 ? 23 A  A "H1'"  1 
ATOM   643 H H8     . A  A 1 24 ? -8.172  -1.026  -4.020  1.00 3.32 ? 23 A  A H8     1 
ATOM   644 H H61    . A  A 1 24 ? -2.211  -2.340  -4.349  1.00 2.84 ? 23 A  A H61    1 
ATOM   645 H H62    . A  A 1 24 ? -3.480  -1.756  -3.313  1.00 2.46 ? 23 A  A H62    1 
ATOM   646 H H2     . A  A 1 24 ? -4.031  -3.144  -8.375  1.00 2.18 ? 23 A  A H2     1 
ATOM   647 P P      . C  A 1 25 ? -11.128 -5.829  -6.712  1.00 2.61 ? 24 C  A P      1 
ATOM   648 O OP1    . C  A 1 25 ? -12.512 -6.316  -6.912  1.00 3.37 ? 24 C  A OP1    1 
ATOM   649 O OP2    . C  A 1 25 ? -10.356 -6.278  -5.533  1.00 3.23 ? 24 C  A OP2    1 
ATOM   650 O "O5'"  . C  A 1 25 ? -10.275 -6.183  -8.039  1.00 1.98 ? 24 C  A "O5'"  1 
ATOM   651 C "C5'"  . C  A 1 25 ? -9.521  -7.406  -8.120  1.00 2.01 ? 24 C  A "C5'"  1 
ATOM   652 C "C4'"  . C  A 1 25 ? -8.039  -7.125  -8.414  1.00 1.63 ? 24 C  A "C4'"  1 
ATOM   653 O "O4'"  . C  A 1 25 ? -7.644  -5.902  -7.769  1.00 1.47 ? 24 C  A "O4'"  1 
ATOM   654 C "C3'"  . C  A 1 25 ? -7.104  -8.237  -7.921  1.00 1.73 ? 24 C  A "C3'"  1 
ATOM   655 O "O3'"  . C  A 1 25 ? -6.567  -9.016  -8.993  1.00 2.19 ? 24 C  A "O3'"  1 
ATOM   656 C "C2'"  . C  A 1 25 ? -5.991  -7.536  -7.194  1.00 1.47 ? 24 C  A "C2'"  1 
ATOM   657 O "O2'"  . C  A 1 25 ? -4.784  -7.560  -7.965  1.00 1.70 ? 24 C  A "O2'"  1 
ATOM   658 C "C1'"  . C  A 1 25 ? -6.460  -6.106  -6.963  1.00 1.26 ? 24 C  A "C1'"  1 
ATOM   659 N N1     . C  A 1 25 ? -6.783  -5.938  -5.491  1.00 1.73 ? 24 C  A N1     1 
ATOM   660 C C2     . C  A 1 25 ? -7.794  -6.787  -5.052  1.00 2.72 ? 24 C  A C2     1 
ATOM   661 O O2     . C  A 1 25 ? -8.380  -7.501  -5.857  1.00 3.23 ? 24 C  A O2     1 
ATOM   662 N N3     . C  A 1 25 ? -8.108  -6.819  -3.734  1.00 3.37 ? 24 C  A N3     1 
ATOM   663 C C4     . C  A 1 25 ? -7.465  -6.061  -2.853  1.00 3.16 ? 24 C  A C4     1 
ATOM   664 N N4     . C  A 1 25 ? -7.837  -6.089  -1.579  1.00 3.96 ? 24 C  A N4     1 
ATOM   665 C C5     . C  A 1 25 ? -6.420  -5.181  -3.258  1.00 2.47 ? 24 C  A C5     1 
ATOM   666 C C6     . C  A 1 25 ? -6.105  -5.118  -4.561  1.00 1.80 ? 24 C  A C6     1 
ATOM   667 H "H5'"  . C  A 1 25 ? -9.931  -8.026  -8.917  1.00 2.45 ? 24 C  A "H5'"  1 
ATOM   668 H "H5''" . C  A 1 25 ? -9.614  -7.933  -7.173  1.00 2.30 ? 24 C  A "H5''" 1 
ATOM   669 H "H4'"  . C  A 1 25 ? -7.910  -7.006  -9.489  1.00 1.85 ? 24 C  A "H4'"  1 
ATOM   670 H "H3'"  . C  A 1 25 ? -7.631  -8.888  -7.223  1.00 2.01 ? 24 C  A "H3'"  1 
ATOM   671 H "H2'"  . C  A 1 25 ? -5.825  -8.024  -6.231  1.00 1.78 ? 24 C  A "H2'"  1 
ATOM   672 H "HO2'" . C  A 1 25 ? -4.114  -8.002  -7.437  1.00 1.90 ? 24 C  A "HO2'" 1 
ATOM   673 H "H1'"  . C  A 1 25 ? -5.696  -5.426  -7.315  1.00 1.24 ? 24 C  A "H1'"  1 
ATOM   674 H H41    . C  A 1 25 ? -8.576  -6.711  -1.281  1.00 4.39 ? 24 C  A H41    1 
ATOM   675 H H42    . C  A 1 25 ? -7.394  -5.478  -0.916  1.00 4.32 ? 24 C  A H42    1 
ATOM   676 H H5     . C  A 1 25 ? -5.837  -4.631  -2.524  1.00 2.77 ? 24 C  A H5     1 
ATOM   677 H H6     . C  A 1 25 ? -5.377  -4.363  -4.847  1.00 1.87 ? 24 C  A H6     1 
ATOM   678 P P      . A  A 1 26 ? -5.663  -10.322 -8.674  1.00 2.45 ? 25 A  A P      1 
ATOM   679 O OP1    . A  A 1 26 ? -4.886  -10.651 -9.889  1.00 2.74 ? 25 A  A OP1    1 
ATOM   680 O OP2    . A  A 1 26 ? -6.539  -11.346 -8.064  1.00 3.26 ? 25 A  A OP2    1 
ATOM   681 O "O5'"  . A  A 1 26 ? -4.630  -9.802  -7.540  1.00 2.17 ? 25 A  A "O5'"  1 
ATOM   682 C "C5'"  . A  A 1 26 ? -3.984  -10.727 -6.643  1.00 1.97 ? 25 A  A "C5'"  1 
ATOM   683 C "C4'"  . A  A 1 26 ? -2.480  -10.452 -6.523  1.00 1.33 ? 25 A  A "C4'"  1 
ATOM   684 O "O4'"  . A  A 1 26 ? -2.227  -9.030  -6.432  1.00 0.95 ? 25 A  A "O4'"  1 
ATOM   685 C "C3'"  . A  A 1 26 ? -1.870  -11.104 -5.264  1.00 1.21 ? 25 A  A "C3'"  1 
ATOM   686 O "O3'"  . A  A 1 26 ? -0.853  -12.075 -5.590  1.00 1.45 ? 25 A  A "O3'"  1 
ATOM   687 C "C2'"  . A  A 1 26 ? -1.246  -9.974  -4.495  1.00 0.96 ? 25 A  A "C2'"  1 
ATOM   688 O "O2'"  . A  A 1 26 ? 0.056   -10.326 -4.016  1.00 1.39 ? 25 A  A "O2'"  1 
ATOM   689 C "C1'"  . A  A 1 26 ? -1.170  -8.835  -5.484  1.00 0.74 ? 25 A  A "C1'"  1 
ATOM   690 N N9     . A  A 1 26 ? -1.209  -7.531  -4.799  1.00 0.77 ? 25 A  A N9     1 
ATOM   691 C C8     . A  A 1 26 ? -2.153  -6.951  -3.997  1.00 1.21 ? 25 A  A C8     1 
ATOM   692 N N7     . A  A 1 26 ? -1.814  -5.866  -3.386  1.00 1.55 ? 25 A  A N7     1 
ATOM   693 C C5     . A  A 1 26 ? -0.498  -5.688  -3.830  1.00 1.24 ? 25 A  A C5     1 
ATOM   694 C C6     . A  A 1 26 ? 0.470   -4.717  -3.565  1.00 1.43 ? 25 A  A C6     1 
ATOM   695 N N6     . A  A 1 26 ? 0.275   -3.739  -2.686  1.00 1.99 ? 25 A  A N6     1 
ATOM   696 N N1     . A  A 1 26 ? 1.667   -4.839  -4.186  1.00 1.13 ? 25 A  A N1     1 
ATOM   697 C C2     . A  A 1 26 ? 1.890   -5.864  -5.008  1.00 0.82 ? 25 A  A C2     1 
ATOM   698 N N3     . A  A 1 26 ? 1.049   -6.839  -5.316  1.00 0.69 ? 25 A  A N3     1 
ATOM   699 C C4     . A  A 1 26 ? -0.134  -6.688  -4.691  1.00 0.78 ? 25 A  A C4     1 
ATOM   700 H "H5'"  . A  A 1 26 ? -4.132  -11.742 -7.013  1.00 2.45 ? 25 A  A "H5'"  1 
ATOM   701 H "H5''" . A  A 1 26 ? -4.440  -10.640 -5.656  1.00 2.34 ? 25 A  A "H5''" 1 
ATOM   702 H "H4'"  . A  A 1 26 ? -1.976  -10.844 -7.406  1.00 1.64 ? 25 A  A "H4'"  1 
ATOM   703 H "H3'"  . A  A 1 26 ? -2.658  -11.567 -4.667  1.00 1.61 ? 25 A  A "H3'"  1 
ATOM   704 H "H2'"  . A  A 1 26 ? -1.893  -9.694  -3.661  1.00 1.32 ? 25 A  A "H2'"  1 
ATOM   705 H "HO2'" . A  A 1 26 ? 0.603   -9.540  -4.086  1.00 1.59 ? 25 A  A "HO2'" 1 
ATOM   706 H "H1'"  . A  A 1 26 ? -0.220  -8.913  -6.017  1.00 1.11 ? 25 A  A "H1'"  1 
ATOM   707 H H8     . A  A 1 26 ? -3.161  -7.363  -3.893  1.00 1.32 ? 25 A  A H8     1 
ATOM   708 H H61    . A  A 1 26 ? 0.999   -3.053  -2.525  1.00 2.44 ? 25 A  A H61    1 
ATOM   709 H H62    . A  A 1 26 ? -0.597  -3.680  -2.182  1.00 2.25 ? 25 A  A H62    1 
ATOM   710 H H2     . A  A 1 26 ? 2.866   -5.906  -5.484  1.00 0.93 ? 25 A  A H2     1 
ATOM   711 P P      . A  A 1 27 ? -0.043  -12.853 -4.413  1.00 1.72 ? 26 A  A P      1 
ATOM   712 O OP1    . A  A 1 27 ? 0.101   -14.269 -4.820  1.00 2.59 ? 26 A  A OP1    1 
ATOM   713 O OP2    . A  A 1 27 ? -0.686  -12.524 -3.122  1.00 2.38 ? 26 A  A OP2    1 
ATOM   714 O "O5'"  . A  A 1 27 ? 1.433   -12.177 -4.423  1.00 1.36 ? 26 A  A "O5'"  1 
ATOM   715 C "C5'"  . A  A 1 27 ? 2.427   -12.548 -3.437  1.00 1.37 ? 26 A  A "C5'"  1 
ATOM   716 C "C4'"  . A  A 1 27 ? 3.708   -11.706 -3.563  1.00 1.28 ? 26 A  A "C4'"  1 
ATOM   717 O "O4'"  . A  A 1 27 ? 3.365   -10.316 -3.747  1.00 1.11 ? 26 A  A "O4'"  1 
ATOM   718 C "C3'"  . A  A 1 27 ? 4.586   -11.802 -2.306  1.00 1.31 ? 26 A  A "C3'"  1 
ATOM   719 O "O3'"  . A  A 1 27 ? 5.780   -12.584 -2.493  1.00 1.45 ? 26 A  A "O3'"  1 
ATOM   720 C "C2'"  . A  A 1 27 ? 4.964   -10.392 -1.959  1.00 1.17 ? 26 A  A "C2'"  1 
ATOM   721 O "O2'"  . A  A 1 27 ? 6.349   -10.143 -2.225  1.00 1.29 ? 26 A  A "O2'"  1 
ATOM   722 C "C1'"  . A  A 1 27 ? 4.090   -9.494  -2.807  1.00 1.00 ? 26 A  A "C1'"  1 
ATOM   723 N N9     . A  A 1 27 ? 3.194   -8.753  -1.916  1.00 0.84 ? 26 A  A N9     1 
ATOM   724 C C8     . A  A 1 27 ? 2.083   -9.167  -1.252  1.00 0.90 ? 26 A  A C8     1 
ATOM   725 N N7     . A  A 1 27 ? 1.548   -8.348  -0.423  1.00 1.02 ? 26 A  A N7     1 
ATOM   726 C C5     . A  A 1 27 ? 2.394   -7.248  -0.538  1.00 0.92 ? 26 A  A C5     1 
ATOM   727 C C6     . A  A 1 27 ? 2.393   -6.011  0.076   1.00 1.11 ? 26 A  A C6     1 
ATOM   728 N N6     . A  A 1 27 ? 1.599   -5.717  1.091   1.00 1.46 ? 26 A  A N6     1 
ATOM   729 N N1     . A  A 1 27 ? 3.360   -5.164  -0.265  1.00 1.01 ? 26 A  A N1     1 
ATOM   730 C C2     . A  A 1 27 ? 4.283   -5.483  -1.135  1.00 0.82 ? 26 A  A C2     1 
ATOM   731 N N3     . A  A 1 27 ? 4.388   -6.631  -1.801  1.00 0.78 ? 26 A  A N3     1 
ATOM   732 C C4     . A  A 1 27 ? 3.395   -7.480  -1.445  1.00 0.77 ? 26 A  A C4     1 
ATOM   733 H "H5'"  . A  A 1 27 ? 2.679   -13.601 -3.567  1.00 1.65 ? 26 A  A "H5'"  1 
ATOM   734 H "H5''" . A  A 1 27 ? 2.007   -12.405 -2.442  1.00 1.76 ? 26 A  A "H5''" 1 
ATOM   735 H "H4'"  . A  A 1 27 ? 4.278   -12.048 -4.426  1.00 1.47 ? 26 A  A "H4'"  1 
ATOM   736 H "H3'"  . A  A 1 27 ? 3.996   -12.224 -1.488  1.00 1.38 ? 26 A  A "H3'"  1 
ATOM   737 H "H2'"  . A  A 1 27 ? 4.749   -10.214 -0.906  1.00 1.21 ? 26 A  A "H2'"  1 
ATOM   738 H "HO2'" . A  A 1 27 ? 6.843   -10.914 -1.940  1.00 1.35 ? 26 A  A "HO2'" 1 
ATOM   739 H "H1'"  . A  A 1 27 ? 4.712   -8.783  -3.355  1.00 1.06 ? 26 A  A "H1'"  1 
ATOM   740 H H8     . A  A 1 27 ? 1.668   -10.160 -1.397  1.00 1.00 ? 26 A  A H8     1 
ATOM   741 H H61    . A  A 1 27 ? 1.608   -4.781  1.500   1.00 1.54 ? 26 A  A H61    1 
ATOM   742 H H62    . A  A 1 27 ? 1.054   -6.448  1.512   1.00 2.06 ? 26 A  A H62    1 
ATOM   743 H H2     . A  A 1 27 ? 5.104   -4.758  -1.230  1.00 0.89 ? 26 A  A H2     1 
ATOM   744 P P      . A  A 1 28 ? 6.746   -12.884 -1.218  1.00 1.50 ? 27 A  A P      1 
ATOM   745 O OP1    . A  A 1 28 ? 7.108   -14.318 -1.247  1.00 2.11 ? 27 A  A OP1    1 
ATOM   746 O OP2    . A  A 1 28 ? 6.102   -12.312 -0.013  1.00 2.05 ? 27 A  A OP2    1 
ATOM   747 O "O5'"  . A  A 1 28 ? 8.084   -12.021 -1.527  1.00 1.32 ? 27 A  A "O5'"  1 
ATOM   748 C "C5'"  . A  A 1 28 ? 8.790   -11.302 -0.486  1.00 1.17 ? 27 A  A "C5'"  1 
ATOM   749 C "C4'"  . A  A 1 28 ? 9.506   -10.078 -1.065  1.00 1.10 ? 27 A  A "C4'"  1 
ATOM   750 O "O4'"  . A  A 1 28 ? 8.544   -9.208  -1.673  1.00 1.03 ? 27 A  A "O4'"  1 
ATOM   751 C "C3'"  . A  A 1 28 ? 10.271  -9.257  -0.014  1.00 1.00 ? 27 A  A "C3'"  1 
ATOM   752 O "O3'"  . A  A 1 28 ? 11.706  -9.494  -0.078  1.00 1.09 ? 27 A  A "O3'"  1 
ATOM   753 C "C2'"  . A  A 1 28 ? 9.971   -7.794  -0.353  1.00 0.96 ? 27 A  A "C2'"  1 
ATOM   754 O "O2'"  . A  A 1 28 ? 11.089  -7.195  -1.014  1.00 1.06 ? 27 A  A "O2'"  1 
ATOM   755 C "C1'"  . A  A 1 28 ? 8.784   -7.846  -1.274  1.00 0.96 ? 27 A  A "C1'"  1 
ATOM   756 N N9     . A  A 1 28 ? 7.663   -7.277  -0.540  1.00 0.90 ? 27 A  A N9     1 
ATOM   757 C C8     . A  A 1 28 ? 6.548   -7.836  -0.014  1.00 0.89 ? 27 A  A C8     1 
ATOM   758 N N7     . A  A 1 28 ? 5.761   -7.057  0.659   1.00 0.85 ? 27 A  A N7     1 
ATOM   759 C C5     . A  A 1 28 ? 6.445   -5.837  0.565   1.00 0.84 ? 27 A  A C5     1 
ATOM   760 C C6     . A  A 1 28 ? 6.181   -4.535  1.024   1.00 0.84 ? 27 A  A C6     1 
ATOM   761 N N6     . A  A 1 28 ? 5.056   -4.146  1.583   1.00 0.93 ? 27 A  A N6     1 
ATOM   762 N N1     . A  A 1 28 ? 7.069   -3.607  0.741   1.00 0.87 ? 27 A  A N1     1 
ATOM   763 C C2     . A  A 1 28 ? 8.137   -3.898  0.045   1.00 0.90 ? 27 A  A C2     1 
ATOM   764 N N3     . A  A 1 28 ? 8.484   -5.053  -0.458  1.00 0.90 ? 27 A  A N3     1 
ATOM   765 C C4     . A  A 1 28 ? 7.589   -5.986  -0.159  1.00 0.87 ? 27 A  A C4     1 
ATOM   766 H "H5'"  . A  A 1 28 ? 9.523   -11.964 -0.024  1.00 1.55 ? 27 A  A "H5'"  1 
ATOM   767 H "H5''" . A  A 1 28 ? 8.075   -10.975 0.270   1.00 1.40 ? 27 A  A "H5''" 1 
ATOM   768 H "H4'"  . A  A 1 28 ? 10.205  -10.409 -1.831  1.00 1.28 ? 27 A  A "H4'"  1 
ATOM   769 H "H3'"  . A  A 1 28 ? 9.892   -9.491  0.984   1.00 0.95 ? 27 A  A "H3'"  1 
ATOM   770 H "H2'"  . A  A 1 28 ? 9.687   -7.171  0.554   1.00 0.90 ? 27 A  A "H2'"  1 
ATOM   771 H "HO2'" . A  A 1 28 ? 11.473  -6.563  -0.403  1.00 1.20 ? 27 A  A "HO2'" 1 
ATOM   772 H "H1'"  . A  A 1 28 ? 8.986   -7.246  -2.160  1.00 1.02 ? 27 A  A "H1'"  1 
ATOM   773 H H8     . A  A 1 28 ? 6.335   -8.895  -0.136  1.00 0.93 ? 27 A  A H8     1 
ATOM   774 H H61    . A  A 1 28 ? 4.948   -3.194  1.883   1.00 1.42 ? 27 A  A H61    1 
ATOM   775 H H62    . A  A 1 28 ? 4.313   -4.791  1.708   1.00 1.15 ? 27 A  A H62    1 
ATOM   776 H H2     . A  A 1 28 ? 8.815   -3.111  -0.103  1.00 0.94 ? 27 A  A H2     1 
ATOM   777 P P      . G  A 1 29 ? 12.572  -10.043 1.193   1.00 1.11 ? 28 G  A P      1 
ATOM   778 O OP1    . G  A 1 29 ? 13.697  -10.846 0.665   1.00 1.80 ? 28 G  A OP1    1 
ATOM   779 O OP2    . G  A 1 29 ? 11.629  -10.650 2.160   1.00 1.53 ? 28 G  A OP2    1 
ATOM   780 O "O5'"  . G  A 1 29 ? 13.191  -8.696  1.874   1.00 1.05 ? 28 G  A "O5'"  1 
ATOM   781 C "C5'"  . G  A 1 29 ? 12.290  -7.671  2.301   1.00 0.97 ? 28 G  A "C5'"  1 
ATOM   782 C "C4'"  . G  A 1 29 ? 12.630  -6.288  1.809   1.00 0.98 ? 28 G  A "C4'"  1 
ATOM   783 O "O4'"  . G  A 1 29 ? 11.517  -5.983  1.016   1.00 0.93 ? 28 G  A "O4'"  1 
ATOM   784 C "C3'"  . G  A 1 29 ? 12.713  -5.077  2.821   1.00 1.03 ? 28 G  A "C3'"  1 
ATOM   785 O "O3'"  . G  A 1 29 ? 14.060  -4.754  3.204   1.00 1.10 ? 28 G  A "O3'"  1 
ATOM   786 C "C2'"  . G  A 1 29 ? 12.064  -4.009  1.932   1.00 1.03 ? 28 G  A "C2'"  1 
ATOM   787 O "O2'"  . G  A 1 29 ? 12.909  -3.681  0.825   1.00 1.09 ? 28 G  A "O2'"  1 
ATOM   788 C "C1'"  . G  A 1 29 ? 10.980  -4.785  1.524   1.00 0.94 ? 28 G  A "C1'"  1 
ATOM   789 N N9     . G  A 1 29 ? 9.989   -4.920  2.642   1.00 0.93 ? 28 G  A N9     1 
ATOM   790 C C8     . G  A 1 29 ? 9.241   -5.979  3.097   1.00 0.90 ? 28 G  A C8     1 
ATOM   791 N N7     . G  A 1 29 ? 8.220   -5.726  3.836   1.00 0.91 ? 28 G  A N7     1 
ATOM   792 C C5     . G  A 1 29 ? 8.263   -4.344  3.919   1.00 0.95 ? 28 G  A C5     1 
ATOM   793 C C6     . G  A 1 29 ? 7.391   -3.450  4.580   1.00 1.02 ? 28 G  A C6     1 
ATOM   794 O O6     . G  A 1 29 ? 6.362   -3.680  5.218   1.00 1.02 ? 28 G  A O6     1 
ATOM   795 N N1     . G  A 1 29 ? 7.785   -2.156  4.403   1.00 1.10 ? 28 G  A N1     1 
ATOM   796 C C2     . G  A 1 29 ? 8.885   -1.724  3.699   1.00 1.12 ? 28 G  A C2     1 
ATOM   797 N N2     . G  A 1 29 ? 9.094   -0.400  3.692   1.00 1.25 ? 28 G  A N2     1 
ATOM   798 N N3     . G  A 1 29 ? 9.717   -2.548  3.067   1.00 1.05 ? 28 G  A N3     1 
ATOM   799 C C4     . G  A 1 29 ? 9.347   -3.842  3.211   1.00 0.97 ? 28 G  A C4     1 
ATOM   800 H "H5'"  . G  A 1 29 ? 12.192  -7.648  3.377   1.00 1.01 ? 28 G  A "H5'"  1 
ATOM   801 H "H5''" . G  A 1 29 ? 11.330  -7.931  1.803   1.00 0.92 ? 28 G  A "H5''" 1 
ATOM   802 H "H4'"  . G  A 1 29 ? 13.506  -6.313  1.170   1.00 1.04 ? 28 G  A "H4'"  1 
ATOM   803 H "H3'"  . G  A 1 29 ? 12.083  -5.276  3.701   1.00 1.03 ? 28 G  A "H3'"  1 
ATOM   804 H "H2'"  . G  A 1 29 ? 11.577  -3.113  2.330   1.00 1.06 ? 28 G  A "H2'"  1 
ATOM   805 H "HO2'" . G  A 1 29 ? 12.668  -4.266  0.103   1.00 1.14 ? 28 G  A "HO2'" 1 
ATOM   806 H "H1'"  . G  A 1 29 ? 10.503  -4.258  0.724   1.00 0.94 ? 28 G  A "H1'"  1 
ATOM   807 H H8     . G  A 1 29 ? 9.474   -6.992  2.847   1.00 0.90 ? 28 G  A H8     1 
ATOM   808 H H1     . G  A 1 29 ? 7.162   -1.494  4.757   1.00 1.18 ? 28 G  A H1     1 
ATOM   809 H H21    . G  A 1 29 ? 8.449   0.211   4.176   1.00 1.32 ? 28 G  A H21    1 
ATOM   810 H H22    . G  A 1 29 ? 9.895   -0.010  3.211   1.00 1.73 ? 28 G  A H22    1 
ATOM   811 P P      . U  A 1 30 ? 14.686  -5.376  4.563   1.00 1.16 ? 29 U  A P      1 
ATOM   812 O OP1    . U  A 1 30 ? 16.130  -5.605  4.339   1.00 1.77 ? 29 U  A OP1    1 
ATOM   813 O OP2    . U  A 1 30 ? 13.823  -6.499  4.993   1.00 1.71 ? 29 U  A OP2    1 
ATOM   814 O "O5'"  . U  A 1 30 ? 14.531  -4.180  5.642   1.00 1.21 ? 29 U  A "O5'"  1 
ATOM   815 C "C5'"  . U  A 1 30 ? 15.457  -3.090  5.631   1.00 1.42 ? 29 U  A "C5'"  1 
ATOM   816 C "C4'"  . U  A 1 30 ? 14.793  -1.752  5.883   1.00 1.25 ? 29 U  A "C4'"  1 
ATOM   817 O "O4'"  . U  A 1 30 ? 13.549  -1.721  5.201   1.00 1.14 ? 29 U  A "O4'"  1 
ATOM   818 C "C3'"  . U  A 1 30 ? 14.448  -1.269  7.338   1.00 1.30 ? 29 U  A "C3'"  1 
ATOM   819 O "O3'"  . U  A 1 30 ? 15.583  -0.804  8.095   1.00 1.42 ? 29 U  A "O3'"  1 
ATOM   820 C "C2'"  . U  A 1 30 ? 13.601  -0.128  6.881   1.00 1.28 ? 29 U  A "C2'"  1 
ATOM   821 O "O2'"  . U  A 1 30 ? 14.539  0.767   6.328   1.00 1.36 ? 29 U  A "O2'"  1 
ATOM   822 C "C1'"  . U  A 1 30 ? 12.741  -0.806  5.918   1.00 1.17 ? 29 U  A "C1'"  1 
ATOM   823 N N1     . U  A 1 30 ? 11.547  -1.442  6.493   1.00 1.12 ? 29 U  A N1     1 
ATOM   824 C C2     . U  A 1 30 ? 10.715  -0.600  7.194   1.00 1.14 ? 29 U  A C2     1 
ATOM   825 O O2     . U  A 1 30 ? 11.092  0.505   7.579   1.00 1.22 ? 29 U  A O2     1 
ATOM   826 N N3     . U  A 1 30 ? 9.466   -1.041  7.440   1.00 1.10 ? 29 U  A N3     1 
ATOM   827 C C4     . U  A 1 30 ? 8.951   -2.240  7.065   1.00 1.04 ? 29 U  A C4     1 
ATOM   828 O O4     . U  A 1 30 ? 7.818   -2.508  7.288   1.00 1.02 ? 29 U  A O4     1 
ATOM   829 C C5     . U  A 1 30 ? 9.849   -3.088  6.373   1.00 1.01 ? 29 U  A C5     1 
ATOM   830 C C6     . U  A 1 30 ? 11.115  -2.691  6.101   1.00 1.05 ? 29 U  A C6     1 
ATOM   831 H "H5'"  . U  A 1 30 ? 15.885  -3.026  4.595   1.00 1.75 ? 29 U  A "H5'"  1 
ATOM   832 H "H5''" . U  A 1 30 ? 16.252  -3.261  6.357   1.00 1.97 ? 29 U  A "H5''" 1 
ATOM   833 H "H4'"  . U  A 1 30 ? 15.420  -0.992  5.419   1.00 1.37 ? 29 U  A "H4'"  1 
ATOM   834 H "H3'"  . U  A 1 30 ? 13.850  -2.016  7.874   1.00 1.30 ? 29 U  A "H3'"  1 
ATOM   835 H "H2'"  . U  A 1 30 ? 12.961  0.415   7.516   1.00 1.33 ? 29 U  A "H2'"  1 
ATOM   836 H "HO2'" . U  A 1 30 ? 15.000  1.179   7.062   1.00 1.54 ? 29 U  A "HO2'" 1 
ATOM   837 H "H1'"  . U  A 1 30 ? 12.360  -0.043  5.230   1.00 1.18 ? 29 U  A "H1'"  1 
ATOM   838 H H3     . U  A 1 30 ? 8.905   -0.447  7.966   1.00 1.13 ? 29 U  A H3     1 
ATOM   839 H H5     . U  A 1 30 ? 9.493   -4.062  6.080   1.00 0.97 ? 29 U  A H5     1 
ATOM   840 H H6     . U  A 1 30 ? 11.789  -3.363  5.556   1.00 1.03 ? 29 U  A H6     1 
ATOM   841 P P      . C  A 1 31 ? 15.438  -0.477  9.678   1.00 1.77 ? 30 C  A P      1 
ATOM   842 O OP1    . C  A 1 31 ? 16.745  -0.739  10.320  1.00 2.52 ? 30 C  A OP1    1 
ATOM   843 O OP2    . C  A 1 31 ? 14.227  -1.166  10.176  1.00 2.32 ? 30 C  A OP2    1 
ATOM   844 O "O5'"  . C  A 1 31 ? 15.163  1.121   9.731   1.00 1.72 ? 30 C  A "O5'"  1 
ATOM   845 C "C5'"  . C  A 1 31 ? 14.096  1.653   10.543  1.00 1.70 ? 30 C  A "C5'"  1 
ATOM   846 C "C4'"  . C  A 1 31 ? 12.798  1.762   9.728   1.00 1.62 ? 30 C  A "C4'"  1 
ATOM   847 O "O4'"  . C  A 1 31 ? 12.272  0.419   9.556   1.00 1.47 ? 30 C  A "O4'"  1 
ATOM   848 C "C3'"  . C  A 1 31 ? 11.705  2.551   10.463  1.00 1.82 ? 30 C  A "C3'"  1 
ATOM   849 O "O3'"  . C  A 1 31 ? 10.832  3.222   9.545   1.00 2.36 ? 30 C  A "O3'"  1 
ATOM   850 C "C2'"  . C  A 1 31 ? 10.999  1.459   11.190  1.00 1.49 ? 30 C  A "C2'"  1 
ATOM   851 O "O2'"  . C  A 1 31 ? 9.712   1.789   11.736  1.00 1.63 ? 30 C  A "O2'"  1 
ATOM   852 C "C1'"  . C  A 1 31 ? 11.012  0.345   10.250  1.00 1.40 ? 30 C  A "C1'"  1 
ATOM   853 N N1     . C  A 1 31 ? 10.621  -1.020  10.546  1.00 1.36 ? 30 C  A N1     1 
ATOM   854 C C2     . C  A 1 31 ? 9.267   -1.260  10.822  1.00 1.28 ? 30 C  A C2     1 
ATOM   855 O O2     . C  A 1 31 ? 8.557   -0.377  11.313  1.00 1.30 ? 30 C  A O2     1 
ATOM   856 N N3     . C  A 1 31 ? 8.753   -2.486  10.517  1.00 1.22 ? 30 C  A N3     1 
ATOM   857 C C4     . C  A 1 31 ? 9.518   -3.445  9.980   1.00 1.24 ? 30 C  A C4     1 
ATOM   858 N N4     . C  A 1 31 ? 8.975   -4.618  9.654   1.00 1.19 ? 30 C  A N4     1 
ATOM   859 C C5     . C  A 1 31 ? 10.899  -3.225  9.730   1.00 1.31 ? 30 C  A C5     1 
ATOM   860 C C6     . C  A 1 31 ? 11.406  -2.020  10.031  1.00 1.37 ? 30 C  A C6     1 
ATOM   861 H "H5'"  . C  A 1 31 ? 14.381  2.627   10.945  1.00 1.99 ? 30 C  A "H5'"  1 
ATOM   862 H "H5''" . C  A 1 31 ? 13.924  0.972   11.377  1.00 2.22 ? 30 C  A "H5''" 1 
ATOM   863 H "H4'"  . C  A 1 31 ? 12.995  2.223   8.768   1.00 1.83 ? 30 C  A "H4'"  1 
ATOM   864 H "H3'"  . C  A 1 31 ? 12.154  3.260   11.168  1.00 2.26 ? 30 C  A "H3'"  1 
ATOM   865 H "H2'"  . C  A 1 31 ? 11.620  1.238   11.856  1.00 1.86 ? 30 C  A "H2'"  1 
ATOM   866 H "HO2'" . C  A 1 31 ? 9.658   1.393   12.607  1.00 1.82 ? 30 C  A "HO2'" 1 
ATOM   867 H "H1'"  . C  A 1 31 ? 10.288  0.672   9.488   1.00 1.50 ? 30 C  A "H1'"  1 
ATOM   868 H H41    . C  A 1 31 ? 7.993   -4.784  9.827   1.00 1.47 ? 30 C  A H41    1 
ATOM   869 H H42    . C  A 1 31 ? 9.544   -5.341  9.239   1.00 1.43 ? 30 C  A H42    1 
ATOM   870 H H5     . C  A 1 31 ? 11.520  -3.998  9.275   1.00 1.35 ? 30 C  A H5     1 
ATOM   871 H H6     . C  A 1 31 ? 12.461  -1.825  9.843   1.00 1.45 ? 30 C  A H6     1 
ATOM   872 P P      . A  A 1 32 ? 9.765   4.298   10.082  1.00 3.07 ? 31 A  A P      1 
ATOM   873 O OP1    . A  A 1 32 ? 8.408   3.812   9.746   1.00 3.58 ? 31 A  A OP1    1 
ATOM   874 O OP2    . A  A 1 32 ? 10.200  5.642   9.640   1.00 3.59 ? 31 A  A OP2    1 
ATOM   875 O "O5'"  . A  A 1 32 ? 9.954   4.204   11.678  1.00 3.20 ? 31 A  A "O5'"  1 
ATOM   876 C "C5'"  . A  A 1 32 ? 9.074   4.907   12.557  1.00 3.43 ? 31 A  A "C5'"  1 
ATOM   877 C "C4'"  . A  A 1 32 ? 7.658   4.332   12.514  1.00 3.07 ? 31 A  A "C4'"  1 
ATOM   878 O "O4'"  . A  A 1 32 ? 7.691   2.890   12.543  1.00 2.70 ? 31 A  A "O4'"  1 
ATOM   879 C "C3'"  . A  A 1 32 ? 6.830   4.811   13.702  1.00 2.93 ? 31 A  A "C3'"  1 
ATOM   880 O "O3'"  . A  A 1 32 ? 5.718   5.594   13.260  1.00 3.70 ? 31 A  A "O3'"  1 
ATOM   881 C "C2'"  . A  A 1 32 ? 6.358   3.569   14.417  1.00 2.35 ? 31 A  A "C2'"  1 
ATOM   882 O "O2'"  . A  A 1 32 ? 4.935   3.571   14.570  1.00 2.79 ? 31 A  A "O2'"  1 
ATOM   883 C "C1'"  . A  A 1 32 ? 6.811   2.392   13.571  1.00 2.08 ? 31 A  A "C1'"  1 
ATOM   884 N N9     . A  A 1 32 ? 7.487   1.381   14.404  1.00 2.04 ? 31 A  A N9     1 
ATOM   885 C C8     . A  A 1 32 ? 8.793   1.272   14.751  1.00 2.58 ? 31 A  A C8     1 
ATOM   886 N N7     . A  A 1 32 ? 9.127   0.281   15.508  1.00 3.20 ? 31 A  A N7     1 
ATOM   887 C C5     . A  A 1 32 ? 7.897   -0.357  15.697  1.00 2.91 ? 31 A  A C5     1 
ATOM   888 C C6     . A  A 1 32 ? 7.521   -1.498  16.413  1.00 3.47 ? 31 A  A C6     1 
ATOM   889 N N6     . A  A 1 32 ? 8.383   -2.241  17.108  1.00 4.48 ? 31 A  A N6     1 
ATOM   890 N N1     . A  A 1 32 ? 6.221   -1.846  16.385  1.00 3.06 ? 31 A  A N1     1 
ATOM   891 C C2     . A  A 1 32 ? 5.341   -1.118  15.696  1.00 2.20 ? 31 A  A C2     1 
ATOM   892 N N3     . A  A 1 32 ? 5.588   -0.022  14.985  1.00 1.77 ? 31 A  A N3     1 
ATOM   893 C C4     . A  A 1 32 ? 6.895   0.306   15.028  1.00 2.10 ? 31 A  A C4     1 
ATOM   894 H "H5'"  . A  A 1 32 ? 9.041   5.956   12.264  1.00 3.77 ? 31 A  A "H5'"  1 
ATOM   895 H "H5''" . A  A 1 32 ? 9.457   4.834   13.575  1.00 3.99 ? 31 A  A "H5''" 1 
ATOM   896 H "H4'"  . A  A 1 32 ? 7.174   4.654   11.592  1.00 3.68 ? 31 A  A "H4'"  1 
ATOM   897 H "H3'"  . A  A 1 32 ? 7.452   5.403   14.378  1.00 3.11 ? 31 A  A "H3'"  1 
ATOM   898 H "H2'"  . A  A 1 32 ? 6.837   3.514   15.398  1.00 2.44 ? 31 A  A "H2'"  1 
ATOM   899 H "HO2'" . A  A 1 32 ? 4.555   3.682   13.701  1.00 2.72 ? 31 A  A "HO2'" 1 
ATOM   900 H "H1'"  . A  A 1 32 ? 5.940   1.937   13.102  1.00 2.21 ? 31 A  A "H1'"  1 
ATOM   901 H H8     . A  A 1 32 ? 9.532   1.994   14.404  1.00 2.72 ? 31 A  A H8     1 
ATOM   902 H H61    . A  A 1 32 ? 8.058   -3.056  17.608  1.00 5.03 ? 31 A  A H61    1 
ATOM   903 H H62    . A  A 1 32 ? 9.360   -1.988  17.134  1.00 4.85 ? 31 A  A H62    1 
ATOM   904 H H2     . A  A 1 32 ? 4.306   -1.460  15.716  1.00 2.07 ? 31 A  A H2     1 
# 
